data_6I5L
#
_entry.id   6I5L
#
_cell.length_a   57.129
_cell.length_b   117.550
_cell.length_c   92.270
_cell.angle_alpha   90.00
_cell.angle_beta   99.10
_cell.angle_gamma   90.00
#
_symmetry.space_group_name_H-M   'P 1 21 1'
#
loop_
_entity.id
_entity.type
_entity.pdbx_description
1 polymer 'Dual specificity protein kinase CLK1'
2 non-polymer 'PHOSPHATE ION'
3 non-polymer 3-(3-cyclobutylphenyl)-5-(1-methylpyrazol-4-yl)furo[3,2-b]pyridine
4 non-polymer GLYCEROL
5 water water
#
_entity_poly.entity_id   1
_entity_poly.type   'polypeptide(L)'
_entity_poly.pdbx_seq_one_letter_code
;SMHLICQSGDVLSARYEIVDTLGEGAFGKVVECIDHKAGGRHVAVKIVKNVDRYCEAARSEIQVLEHLNTTDPNSTFRCV
QMLEWFEHHGHICIVFELLGLSTYDFIKENGFLPFRLDHIRKMAYQICKSVNFLHSNKLTHTDLKPENILFVQSDYTEAY
NPKIKRDERTLINPDIKVVDFGSATYDDEHHSTLVSTRHYRAPEVILALGWSQPCDVWSIGCILIEYYLGFTVFPTHDSK
EHLAMMERILGPLPKHMIQKTRKRKYFHHDRLDWDEHSSAGRYVSRACKPLKEFMLSQDVEHERLFDLIQKMLEYDPAKR
ITLREALKHPFFDLLKKSI
;
_entity_poly.pdbx_strand_id   A,B,C
#
# COMPACT_ATOMS: atom_id res chain seq x y z
N SER A 1 26.86 -1.75 -8.34
CA SER A 1 28.08 -1.58 -9.19
C SER A 1 27.80 -1.19 -10.68
N MET A 2 26.56 -1.33 -11.17
CA MET A 2 26.26 -1.11 -12.60
C MET A 2 26.77 0.22 -13.22
N HIS A 3 26.68 1.32 -12.48
CA HIS A 3 27.16 2.62 -12.96
C HIS A 3 28.62 2.58 -13.46
N LEU A 4 29.41 1.63 -12.94
CA LEU A 4 30.81 1.47 -13.33
C LEU A 4 31.05 0.81 -14.68
N ILE A 5 30.02 0.17 -15.26
CA ILE A 5 30.16 -0.61 -16.52
C ILE A 5 29.17 -0.26 -17.64
N CYS A 6 28.34 0.78 -17.51
CA CYS A 6 27.29 1.11 -18.51
C CYS A 6 27.41 2.54 -19.06
N GLN A 7 28.62 3.11 -19.00
CA GLN A 7 28.93 4.48 -19.48
C GLN A 7 29.25 4.58 -21.00
N SER A 8 28.90 5.72 -21.62
CA SER A 8 29.30 5.97 -23.02
C SER A 8 30.76 5.73 -23.25
N GLY A 9 31.07 4.88 -24.23
CA GLY A 9 32.44 4.55 -24.58
C GLY A 9 32.88 3.19 -24.09
N ASP A 10 32.23 2.65 -23.06
CA ASP A 10 32.62 1.31 -22.55
C ASP A 10 32.38 0.28 -23.61
N VAL A 11 33.19 -0.76 -23.61
CA VAL A 11 33.05 -1.86 -24.54
C VAL A 11 32.63 -3.11 -23.78
N LEU A 12 31.59 -3.78 -24.25
CA LEU A 12 31.14 -5.03 -23.63
C LEU A 12 31.52 -6.22 -24.49
N SER A 13 32.07 -7.27 -23.86
CA SER A 13 32.35 -8.55 -24.49
C SER A 13 33.29 -8.42 -25.66
N ALA A 14 34.17 -7.42 -25.59
CA ALA A 14 35.15 -7.11 -26.65
C ALA A 14 34.52 -6.88 -28.03
N ARG A 15 33.29 -6.37 -28.06
CA ARG A 15 32.63 -6.03 -29.34
C ARG A 15 31.56 -4.90 -29.37
N TYR A 16 30.80 -4.72 -28.31
CA TYR A 16 29.72 -3.74 -28.30
C TYR A 16 30.13 -2.44 -27.59
N GLU A 17 30.24 -1.34 -28.34
CA GLU A 17 30.57 -0.04 -27.78
C GLU A 17 29.32 0.79 -27.42
N ILE A 18 29.17 1.11 -26.15
CA ILE A 18 28.02 1.87 -25.65
C ILE A 18 28.02 3.29 -26.23
N VAL A 19 26.90 3.68 -26.81
CA VAL A 19 26.63 5.03 -27.27
C VAL A 19 25.94 5.80 -26.15
N ASP A 20 24.83 5.28 -25.62
CA ASP A 20 23.97 6.03 -24.71
C ASP A 20 22.92 5.12 -24.08
N THR A 21 22.30 5.59 -23.00
CA THR A 21 21.25 4.86 -22.32
C THR A 21 19.89 5.17 -22.95
N LEU A 22 19.15 4.13 -23.32
CA LEU A 22 17.80 4.30 -23.90
C LEU A 22 16.69 4.35 -22.81
N GLY A 23 16.88 3.61 -21.73
CA GLY A 23 16.00 3.73 -20.59
C GLY A 23 16.38 2.81 -19.46
N GLU A 24 15.79 3.05 -18.30
CA GLU A 24 16.04 2.29 -17.08
C GLU A 24 14.77 1.64 -16.58
N GLY A 25 14.94 0.71 -15.67
CA GLY A 25 13.83 0.05 -15.01
C GLY A 25 14.27 -0.64 -13.74
N ALA A 26 13.34 -1.35 -13.12
CA ALA A 26 13.64 -2.13 -11.90
C ALA A 26 14.67 -3.24 -12.16
N PHE A 27 14.61 -3.78 -13.38
CA PHE A 27 15.52 -4.83 -13.86
C PHE A 27 16.96 -4.38 -14.13
N GLY A 28 17.18 -3.09 -14.39
CA GLY A 28 18.44 -2.63 -14.93
C GLY A 28 18.31 -1.51 -15.97
N LYS A 29 18.95 -1.68 -17.11
CA LYS A 29 19.23 -0.60 -18.04
C LYS A 29 19.12 -1.21 -19.45
N VAL A 30 18.70 -0.42 -20.45
CA VAL A 30 18.88 -0.76 -21.86
C VAL A 30 19.70 0.33 -22.51
N VAL A 31 20.77 -0.08 -23.19
CA VAL A 31 21.71 0.81 -23.83
C VAL A 31 21.77 0.50 -25.32
N GLU A 32 21.97 1.54 -26.12
CA GLU A 32 22.25 1.41 -27.53
C GLU A 32 23.79 1.27 -27.72
N CYS A 33 24.19 0.25 -28.47
CA CYS A 33 25.57 -0.02 -28.76
C CYS A 33 25.86 -0.15 -30.26
N ILE A 34 27.12 0.14 -30.61
CA ILE A 34 27.69 -0.20 -31.89
C ILE A 34 28.32 -1.59 -31.84
N ASP A 35 27.89 -2.48 -32.73
CA ASP A 35 28.43 -3.83 -32.78
C ASP A 35 29.60 -3.87 -33.74
N HIS A 36 30.82 -3.85 -33.19
CA HIS A 36 32.06 -3.78 -33.99
C HIS A 36 32.37 -5.06 -34.78
N LYS A 37 31.70 -6.17 -34.49
CA LYS A 37 31.86 -7.40 -35.27
C LYS A 37 30.78 -7.64 -36.31
N ALA A 38 29.73 -6.81 -36.36
CA ALA A 38 28.71 -6.93 -37.42
C ALA A 38 28.66 -5.66 -38.26
N GLY A 39 29.82 -5.05 -38.49
CA GLY A 39 29.99 -3.98 -39.44
C GLY A 39 29.60 -2.62 -38.94
N GLY A 40 29.45 -2.46 -37.64
CA GLY A 40 28.99 -1.18 -37.05
C GLY A 40 27.49 -1.04 -36.84
N ARG A 41 26.72 -2.10 -37.16
CA ARG A 41 25.28 -2.14 -36.88
C ARG A 41 24.95 -1.75 -35.44
N HIS A 42 23.94 -0.91 -35.27
CA HIS A 42 23.48 -0.51 -33.94
C HIS A 42 22.50 -1.54 -33.41
N VAL A 43 22.65 -1.85 -32.12
CA VAL A 43 21.80 -2.84 -31.43
C VAL A 43 21.39 -2.29 -30.07
N ALA A 44 20.53 -3.03 -29.37
CA ALA A 44 20.11 -2.66 -28.03
C ALA A 44 20.56 -3.75 -27.08
N VAL A 45 21.17 -3.37 -25.95
CA VAL A 45 21.66 -4.35 -25.00
C VAL A 45 20.97 -4.09 -23.68
N LYS A 46 20.27 -5.10 -23.17
CA LYS A 46 19.72 -5.04 -21.83
C LYS A 46 20.77 -5.53 -20.80
N ILE A 47 21.19 -4.65 -19.89
CA ILE A 47 22.10 -4.98 -18.82
C ILE A 47 21.29 -5.18 -17.56
N VAL A 48 21.36 -6.39 -17.00
CA VAL A 48 20.45 -6.85 -15.93
C VAL A 48 21.15 -6.70 -14.61
N LYS A 49 20.45 -6.16 -13.62
CA LYS A 49 21.00 -6.03 -12.25
C LYS A 49 21.55 -7.34 -11.74
N ASN A 50 22.60 -7.24 -10.94
CA ASN A 50 23.13 -8.44 -10.32
C ASN A 50 22.40 -8.70 -9.02
N VAL A 51 21.17 -9.17 -9.18
CA VAL A 51 20.25 -9.44 -8.09
C VAL A 51 19.52 -10.72 -8.47
N ASP A 52 19.49 -11.65 -7.53
CA ASP A 52 19.00 -13.02 -7.78
C ASP A 52 17.67 -13.13 -8.55
N ARG A 53 16.66 -12.37 -8.13
CA ARG A 53 15.37 -12.41 -8.83
C ARG A 53 15.40 -12.00 -10.31
N TYR A 54 16.24 -11.03 -10.66
CA TYR A 54 16.33 -10.54 -12.03
C TYR A 54 17.25 -11.40 -12.88
N CYS A 55 18.26 -12.03 -12.27
CA CYS A 55 19.12 -12.98 -12.96
C CYS A 55 18.31 -14.21 -13.38
N GLU A 56 17.50 -14.72 -12.46
CA GLU A 56 16.63 -15.86 -12.77
C GLU A 56 15.57 -15.52 -13.83
N ALA A 57 14.98 -14.33 -13.74
CA ALA A 57 14.06 -13.82 -14.76
C ALA A 57 14.71 -13.65 -16.14
N ALA A 58 15.96 -13.23 -16.15
CA ALA A 58 16.71 -13.07 -17.40
C ALA A 58 17.04 -14.40 -18.05
N ARG A 59 17.42 -15.39 -17.25
CA ARG A 59 17.65 -16.74 -17.77
C ARG A 59 16.38 -17.35 -18.37
N SER A 60 15.26 -17.12 -17.69
CA SER A 60 13.97 -17.55 -18.17
C SER A 60 13.64 -16.88 -19.54
N GLU A 61 13.77 -15.56 -19.62
CA GLU A 61 13.51 -14.83 -20.86
C GLU A 61 14.31 -15.40 -22.01
N ILE A 62 15.57 -15.74 -21.76
CA ILE A 62 16.41 -16.33 -22.79
C ILE A 62 15.84 -17.65 -23.33
N GLN A 63 15.33 -18.50 -22.45
CA GLN A 63 14.71 -19.75 -22.89
C GLN A 63 13.47 -19.43 -23.76
N VAL A 64 12.61 -18.55 -23.26
CA VAL A 64 11.38 -18.23 -23.95
C VAL A 64 11.62 -17.66 -25.33
N LEU A 65 12.50 -16.68 -25.45
CA LEU A 65 12.79 -16.05 -26.74
CA LEU A 65 12.79 -16.05 -26.74
C LEU A 65 13.47 -16.99 -27.74
N GLU A 66 14.20 -17.97 -27.25
CA GLU A 66 14.86 -18.93 -28.10
C GLU A 66 13.82 -19.77 -28.84
N HIS A 67 12.83 -20.21 -28.07
CA HIS A 67 11.70 -20.96 -28.59
C HIS A 67 10.87 -20.08 -29.55
N LEU A 68 10.52 -18.85 -29.15
CA LEU A 68 9.68 -18.00 -30.00
C LEU A 68 10.35 -17.50 -31.27
N ASN A 69 11.64 -17.21 -31.21
CA ASN A 69 12.35 -16.71 -32.40
C ASN A 69 12.58 -17.85 -33.41
N THR A 70 12.85 -19.09 -32.96
CA THR A 70 12.98 -20.21 -33.91
C THR A 70 11.60 -20.64 -34.48
N THR A 71 10.54 -20.62 -33.67
CA THR A 71 9.16 -20.87 -34.15
C THR A 71 8.66 -19.83 -35.18
N ASP A 72 9.07 -18.56 -35.03
CA ASP A 72 8.65 -17.45 -35.92
C ASP A 72 9.87 -16.61 -36.30
N PRO A 73 10.71 -17.15 -37.21
CA PRO A 73 11.98 -16.49 -37.55
C PRO A 73 11.86 -15.11 -38.21
N ASN A 74 10.71 -14.82 -38.85
CA ASN A 74 10.52 -13.54 -39.54
C ASN A 74 9.79 -12.49 -38.75
N SER A 75 9.48 -12.80 -37.49
CA SER A 75 8.78 -11.89 -36.58
C SER A 75 7.44 -11.51 -37.16
N THR A 76 6.78 -12.48 -37.81
CA THR A 76 5.44 -12.29 -38.34
C THR A 76 4.48 -11.85 -37.23
N PHE A 77 4.66 -12.41 -36.02
CA PHE A 77 3.81 -12.11 -34.86
C PHE A 77 4.40 -11.12 -33.87
N ARG A 78 5.42 -10.40 -34.31
CA ARG A 78 5.90 -9.19 -33.66
C ARG A 78 6.43 -9.33 -32.23
N CYS A 79 7.03 -10.48 -31.90
CA CYS A 79 7.90 -10.58 -30.73
C CYS A 79 9.31 -10.13 -31.10
N VAL A 80 9.93 -9.32 -30.24
CA VAL A 80 11.32 -8.82 -30.43
C VAL A 80 12.33 -9.93 -30.71
N GLN A 81 13.25 -9.65 -31.63
CA GLN A 81 14.33 -10.59 -32.00
C GLN A 81 15.54 -10.47 -31.03
N MET A 82 15.83 -11.55 -30.33
CA MET A 82 17.08 -11.67 -29.52
C MET A 82 18.22 -12.16 -30.39
N LEU A 83 19.33 -11.43 -30.39
CA LEU A 83 20.52 -11.76 -31.19
C LEU A 83 21.60 -12.59 -30.47
N GLU A 84 21.85 -12.31 -29.20
CA GLU A 84 22.60 -13.22 -28.32
C GLU A 84 22.64 -12.77 -26.88
N TRP A 85 23.29 -13.57 -26.03
CA TRP A 85 23.54 -13.16 -24.64
C TRP A 85 25.02 -13.42 -24.22
N PHE A 86 25.46 -12.70 -23.18
CA PHE A 86 26.78 -12.90 -22.60
C PHE A 86 26.85 -12.34 -21.17
N GLU A 87 27.98 -12.55 -20.49
CA GLU A 87 28.21 -12.08 -19.13
C GLU A 87 29.31 -11.06 -19.11
N HIS A 88 29.14 -10.05 -18.26
CA HIS A 88 30.06 -8.92 -18.21
C HIS A 88 30.15 -8.41 -16.78
N HIS A 89 31.29 -8.69 -16.12
CA HIS A 89 31.52 -8.33 -14.74
C HIS A 89 30.37 -8.73 -13.84
N GLY A 90 29.89 -9.97 -13.97
CA GLY A 90 28.76 -10.46 -13.14
C GLY A 90 27.32 -9.98 -13.51
N HIS A 91 27.13 -9.37 -14.68
CA HIS A 91 25.83 -8.91 -15.10
C HIS A 91 25.48 -9.67 -16.36
N ILE A 92 24.30 -10.28 -16.39
CA ILE A 92 23.77 -10.86 -17.60
C ILE A 92 23.39 -9.71 -18.55
N CYS A 93 23.86 -9.82 -19.77
CA CYS A 93 23.52 -8.88 -20.83
C CYS A 93 22.84 -9.62 -21.97
N ILE A 94 21.76 -9.06 -22.51
CA ILE A 94 21.04 -9.64 -23.66
C ILE A 94 20.96 -8.62 -24.80
N VAL A 95 21.25 -9.09 -26.01
CA VAL A 95 21.35 -8.23 -27.18
C VAL A 95 20.06 -8.37 -28.03
N PHE A 96 19.47 -7.23 -28.41
CA PHE A 96 18.24 -7.22 -29.22
C PHE A 96 18.42 -6.39 -30.47
N GLU A 97 17.53 -6.60 -31.45
CA GLU A 97 17.40 -5.67 -32.56
C GLU A 97 17.09 -4.31 -31.92
N LEU A 98 17.63 -3.25 -32.50
CA LEU A 98 17.33 -1.90 -32.02
C LEU A 98 15.92 -1.43 -32.53
N LEU A 99 15.04 -1.04 -31.62
CA LEU A 99 13.73 -0.51 -31.93
C LEU A 99 13.67 0.95 -31.48
N GLY A 100 12.52 1.60 -31.71
CA GLY A 100 12.23 2.96 -31.26
C GLY A 100 11.71 2.97 -29.84
N LEU A 101 11.27 4.15 -29.41
CA LEU A 101 10.75 4.34 -28.06
C LEU A 101 9.59 3.41 -27.70
N SER A 102 9.39 3.17 -26.39
CA SER A 102 8.18 2.53 -25.91
C SER A 102 6.99 3.45 -26.06
N THR A 103 5.81 2.85 -26.08
CA THR A 103 4.58 3.61 -26.26
C THR A 103 4.36 4.49 -25.06
N TYR A 104 4.78 4.04 -23.89
CA TYR A 104 4.68 4.89 -22.69
C TYR A 104 5.54 6.14 -22.88
N ASP A 105 6.79 5.95 -23.31
CA ASP A 105 7.73 7.04 -23.44
C ASP A 105 7.28 8.05 -24.47
N PHE A 106 6.64 7.57 -25.54
CA PHE A 106 6.15 8.47 -26.57
C PHE A 106 5.06 9.40 -26.02
N ILE A 107 4.11 8.82 -25.29
CA ILE A 107 3.07 9.57 -24.61
C ILE A 107 3.67 10.60 -23.67
N LYS A 108 4.64 10.17 -22.86
CA LYS A 108 5.30 11.07 -21.93
C LYS A 108 5.96 12.26 -22.61
N GLU A 109 6.74 11.97 -23.64
CA GLU A 109 7.45 13.02 -24.36
C GLU A 109 6.53 13.96 -25.12
N ASN A 110 5.32 13.50 -25.42
CA ASN A 110 4.31 14.30 -26.10
C ASN A 110 3.37 15.00 -25.10
N GLY A 111 3.76 15.08 -23.84
CA GLY A 111 2.95 15.85 -22.85
C GLY A 111 1.68 15.15 -22.40
N PHE A 112 1.73 13.81 -22.37
CA PHE A 112 0.62 12.96 -21.92
C PHE A 112 -0.65 13.18 -22.73
N LEU A 113 -0.49 13.32 -24.05
CA LEU A 113 -1.60 13.32 -24.97
C LEU A 113 -1.85 11.90 -25.47
N PRO A 114 -3.10 11.59 -25.77
CA PRO A 114 -3.41 10.26 -26.26
C PRO A 114 -3.03 10.08 -27.72
N PHE A 115 -2.99 8.85 -28.18
CA PHE A 115 -2.82 8.59 -29.61
C PHE A 115 -4.15 8.83 -30.30
N ARG A 116 -4.11 9.15 -31.58
CA ARG A 116 -5.37 9.24 -32.29
C ARG A 116 -5.89 7.85 -32.72
N LEU A 117 -7.21 7.80 -32.91
CA LEU A 117 -7.97 6.55 -32.93
C LEU A 117 -7.58 5.57 -34.03
N ASP A 118 -7.23 6.07 -35.21
CA ASP A 118 -6.79 5.21 -36.32
C ASP A 118 -5.46 4.51 -36.01
N HIS A 119 -4.58 5.16 -35.25
CA HIS A 119 -3.36 4.52 -34.74
C HIS A 119 -3.64 3.52 -33.63
N ILE A 120 -4.47 3.92 -32.68
CA ILE A 120 -4.95 3.00 -31.65
C ILE A 120 -5.48 1.72 -32.30
N ARG A 121 -6.22 1.83 -33.40
CA ARG A 121 -6.81 0.64 -34.04
C ARG A 121 -5.73 -0.33 -34.55
N LYS A 122 -4.72 0.21 -35.23
CA LYS A 122 -3.58 -0.59 -35.71
C LYS A 122 -2.76 -1.19 -34.58
N MET A 123 -2.46 -0.39 -33.58
CA MET A 123 -1.62 -0.84 -32.47
C MET A 123 -2.35 -1.98 -31.71
N ALA A 124 -3.63 -1.76 -31.43
CA ALA A 124 -4.44 -2.76 -30.77
C ALA A 124 -4.50 -4.06 -31.54
N TYR A 125 -4.66 -3.95 -32.85
CA TYR A 125 -4.76 -5.15 -33.69
C TYR A 125 -3.47 -5.97 -33.59
N GLN A 126 -2.33 -5.28 -33.74
CA GLN A 126 -0.99 -5.88 -33.66
C GLN A 126 -0.68 -6.48 -32.31
N ILE A 127 -1.06 -5.79 -31.24
CA ILE A 127 -0.86 -6.30 -29.89
C ILE A 127 -1.69 -7.58 -29.68
N CYS A 128 -2.96 -7.55 -30.11
CA CYS A 128 -3.85 -8.73 -29.97
C CYS A 128 -3.35 -9.92 -30.77
N LYS A 129 -2.82 -9.64 -31.94
CA LYS A 129 -2.27 -10.68 -32.82
C LYS A 129 -1.02 -11.32 -32.20
N SER A 130 -0.15 -10.48 -31.66
CA SER A 130 1.11 -10.92 -31.13
C SER A 130 0.89 -11.77 -29.87
N VAL A 131 0.05 -11.30 -28.96
CA VAL A 131 -0.15 -12.00 -27.72
C VAL A 131 -1.00 -13.29 -27.91
N ASN A 132 -1.93 -13.26 -28.87
CA ASN A 132 -2.65 -14.47 -29.26
C ASN A 132 -1.71 -15.54 -29.81
N PHE A 133 -0.65 -15.14 -30.49
CA PHE A 133 0.42 -16.05 -30.90
C PHE A 133 1.11 -16.71 -29.67
N LEU A 134 1.39 -15.91 -28.64
CA LEU A 134 1.80 -16.46 -27.36
C LEU A 134 0.79 -17.45 -26.78
N HIS A 135 -0.47 -17.05 -26.72
CA HIS A 135 -1.55 -17.92 -26.20
C HIS A 135 -1.72 -19.20 -27.00
N SER A 136 -1.43 -19.18 -28.30
CA SER A 136 -1.37 -20.40 -29.13
C SER A 136 -0.24 -21.37 -28.80
N ASN A 137 0.86 -20.88 -28.22
CA ASN A 137 2.00 -21.74 -27.84
C ASN A 137 2.11 -22.02 -26.34
N LYS A 138 0.97 -21.98 -25.66
CA LYS A 138 0.85 -22.42 -24.28
C LYS A 138 1.62 -21.51 -23.31
N LEU A 139 1.64 -20.22 -23.63
CA LEU A 139 2.27 -19.18 -22.83
C LEU A 139 1.29 -18.06 -22.41
N THR A 140 1.57 -17.46 -21.25
CA THR A 140 0.99 -16.20 -20.82
C THR A 140 2.15 -15.25 -20.52
N HIS A 141 2.06 -14.00 -20.98
CA HIS A 141 3.11 -12.96 -20.76
C HIS A 141 3.12 -12.50 -19.29
N THR A 142 1.93 -12.18 -18.76
CA THR A 142 1.68 -11.76 -17.36
C THR A 142 2.07 -10.31 -17.00
N ASP A 143 2.86 -9.64 -17.85
CA ASP A 143 3.40 -8.30 -17.54
C ASP A 143 3.25 -7.34 -18.71
N LEU A 144 2.05 -7.34 -19.31
CA LEU A 144 1.78 -6.46 -20.42
C LEU A 144 1.44 -5.07 -19.91
N LYS A 145 2.08 -4.07 -20.50
CA LYS A 145 1.88 -2.67 -20.14
C LYS A 145 2.57 -1.77 -21.22
N PRO A 146 2.24 -0.46 -21.25
CA PRO A 146 2.79 0.40 -22.32
C PRO A 146 4.31 0.51 -22.44
N GLU A 147 5.01 0.39 -21.31
CA GLU A 147 6.48 0.31 -21.33
C GLU A 147 6.99 -0.90 -22.09
N ASN A 148 6.21 -1.99 -22.15
CA ASN A 148 6.62 -3.20 -22.85
C ASN A 148 6.09 -3.35 -24.26
N ILE A 149 5.45 -2.31 -24.81
CA ILE A 149 5.12 -2.28 -26.23
C ILE A 149 5.99 -1.19 -26.85
N LEU A 150 6.74 -1.53 -27.89
CA LEU A 150 7.71 -0.59 -28.49
C LEU A 150 7.46 -0.37 -29.96
N PHE A 151 7.60 0.89 -30.39
CA PHE A 151 7.49 1.23 -31.81
C PHE A 151 8.72 0.74 -32.54
N VAL A 152 8.51 0.12 -33.69
CA VAL A 152 9.60 -0.26 -34.58
C VAL A 152 10.35 0.99 -34.98
N GLN A 153 9.62 2.08 -35.26
CA GLN A 153 10.20 3.42 -35.49
C GLN A 153 9.33 4.46 -34.86
N SER A 154 9.93 5.33 -34.05
CA SER A 154 9.20 6.31 -33.25
C SER A 154 9.29 7.73 -33.85
N ASP A 155 9.68 7.84 -35.12
CA ASP A 155 9.77 9.14 -35.75
C ASP A 155 8.40 9.79 -35.94
N TYR A 156 8.36 11.11 -35.85
CA TYR A 156 7.14 11.90 -35.87
C TYR A 156 7.27 13.21 -36.67
N THR A 157 6.13 13.74 -37.13
CA THR A 157 6.03 15.13 -37.64
C THR A 157 5.40 16.00 -36.55
N GLU A 158 5.59 17.32 -36.62
CA GLU A 158 5.20 18.26 -35.53
C GLU A 158 4.48 19.50 -36.07
N ALA A 159 3.34 19.88 -35.45
CA ALA A 159 2.56 21.11 -35.82
C ALA A 159 1.81 21.72 -34.61
N TYR A 160 1.43 23.00 -34.69
CA TYR A 160 0.53 23.63 -33.68
C TYR A 160 -0.90 23.14 -33.89
N ASN A 161 -1.55 22.69 -32.80
CA ASN A 161 -2.94 22.22 -32.83
C ASN A 161 -3.83 23.26 -32.13
N PRO A 162 -4.55 24.10 -32.93
CA PRO A 162 -5.38 25.15 -32.30
C PRO A 162 -6.60 24.66 -31.49
N LYS A 163 -7.09 23.44 -31.75
CA LYS A 163 -8.19 22.86 -30.94
C LYS A 163 -7.88 22.72 -29.46
N ILE A 164 -6.62 22.41 -29.10
CA ILE A 164 -6.20 22.30 -27.68
C ILE A 164 -5.05 23.31 -27.33
N LYS A 165 -4.86 24.36 -28.14
CA LYS A 165 -3.87 25.44 -27.88
C LYS A 165 -2.49 24.90 -27.36
N ARG A 166 -1.82 24.07 -28.18
CA ARG A 166 -0.43 23.52 -27.89
C ARG A 166 0.21 22.85 -29.17
N ASP A 167 1.56 22.70 -29.25
CA ASP A 167 2.25 21.85 -30.32
C ASP A 167 2.02 20.35 -30.13
N GLU A 168 1.96 19.59 -31.22
CA GLU A 168 1.52 18.19 -31.19
C GLU A 168 2.31 17.33 -32.15
N ARG A 169 2.83 16.26 -31.61
CA ARG A 169 3.59 15.28 -32.38
C ARG A 169 2.66 14.23 -32.95
N THR A 170 2.89 13.86 -34.20
CA THR A 170 2.09 12.85 -34.88
C THR A 170 3.04 11.78 -35.38
N LEU A 171 2.92 10.61 -34.82
CA LEU A 171 3.59 9.43 -35.33
C LEU A 171 3.49 9.28 -36.84
N ILE A 172 4.56 8.83 -37.48
CA ILE A 172 4.56 8.48 -38.90
C ILE A 172 4.19 7.03 -39.19
N ASN A 173 4.62 6.10 -38.35
CA ASN A 173 4.40 4.67 -38.58
C ASN A 173 4.13 4.03 -37.22
N PRO A 174 2.92 3.48 -37.03
CA PRO A 174 2.55 2.99 -35.70
C PRO A 174 2.86 1.53 -35.45
N ASP A 175 3.59 0.86 -36.34
CA ASP A 175 3.91 -0.56 -36.13
C ASP A 175 4.63 -0.77 -34.79
N ILE A 176 4.29 -1.85 -34.08
CA ILE A 176 4.87 -2.16 -32.78
C ILE A 176 5.53 -3.54 -32.67
N LYS A 177 6.24 -3.75 -31.56
CA LYS A 177 6.63 -5.08 -31.09
C LYS A 177 6.43 -5.23 -29.58
N VAL A 178 6.24 -6.47 -29.15
CA VAL A 178 6.15 -6.80 -27.72
C VAL A 178 7.53 -7.23 -27.17
N VAL A 179 7.89 -6.73 -25.97
CA VAL A 179 9.15 -7.12 -25.26
C VAL A 179 8.86 -7.64 -23.85
N ASP A 180 9.96 -8.05 -23.19
CA ASP A 180 9.97 -8.51 -21.81
C ASP A 180 9.23 -9.83 -21.57
N PHE A 181 10.01 -10.92 -21.63
CA PHE A 181 9.50 -12.26 -21.47
C PHE A 181 10.03 -12.98 -20.22
N GLY A 182 10.48 -12.19 -19.24
CA GLY A 182 11.04 -12.71 -17.99
C GLY A 182 10.02 -13.22 -17.01
N SER A 183 8.76 -12.79 -17.12
CA SER A 183 7.65 -13.34 -16.31
C SER A 183 6.79 -14.33 -17.08
N ALA A 184 7.04 -14.50 -18.36
CA ALA A 184 6.24 -15.40 -19.18
C ALA A 184 6.30 -16.85 -18.68
N THR A 185 5.15 -17.49 -18.61
CA THR A 185 4.96 -18.76 -17.94
C THR A 185 4.24 -19.74 -18.87
N TYR A 186 4.73 -20.97 -18.98
CA TYR A 186 4.06 -22.02 -19.75
C TYR A 186 2.87 -22.62 -18.99
N ASP A 187 1.87 -23.13 -19.71
CA ASP A 187 0.69 -23.80 -19.08
C ASP A 187 1.09 -24.89 -18.09
N ASP A 188 2.11 -25.66 -18.44
CA ASP A 188 2.59 -26.79 -17.63
C ASP A 188 3.68 -26.47 -16.54
N GLU A 189 4.11 -25.20 -16.42
CA GLU A 189 4.98 -24.74 -15.29
C GLU A 189 4.13 -24.41 -14.07
N HIS A 190 4.81 -24.16 -12.95
CA HIS A 190 4.12 -23.63 -11.76
C HIS A 190 3.62 -22.20 -11.95
N HIS A 191 2.33 -22.01 -11.71
CA HIS A 191 1.68 -20.71 -11.71
C HIS A 191 1.65 -20.15 -10.29
N SER A 192 2.62 -19.31 -10.01
CA SER A 192 2.76 -18.75 -8.68
C SER A 192 1.49 -17.85 -8.38
N THR A 193 0.71 -18.15 -7.32
CA THR A 193 -0.41 -17.25 -6.92
C THR A 193 0.14 -15.92 -6.41
N LEU A 194 1.37 -15.89 -5.91
CA LEU A 194 2.02 -14.61 -5.66
C LEU A 194 2.35 -13.91 -6.97
N VAL A 195 2.11 -12.59 -7.04
CA VAL A 195 2.65 -11.72 -8.10
C VAL A 195 3.23 -10.41 -7.52
N SER A 196 4.12 -9.77 -8.30
CA SER A 196 4.93 -8.62 -7.80
C SER A 196 4.44 -7.23 -8.37
N THR A 197 5.39 -6.34 -8.68
CA THR A 197 5.13 -4.89 -8.91
C THR A 197 4.42 -4.62 -10.31
N ARG A 198 3.06 -4.43 -10.33
CA ARG A 198 2.20 -4.11 -11.56
C ARG A 198 0.73 -3.65 -11.20
N HIS A 199 0.13 -2.78 -12.03
CA HIS A 199 -1.32 -2.30 -11.90
C HIS A 199 -2.11 -2.28 -13.25
N TYR A 200 -1.82 -3.35 -13.97
CA TYR A 200 -2.46 -3.81 -15.17
C TYR A 200 -2.84 -5.20 -14.75
N ARG A 201 -3.03 -5.36 -13.44
CA ARG A 201 -3.15 -6.66 -12.85
C ARG A 201 -4.63 -7.05 -12.75
N ALA A 202 -4.97 -8.23 -13.26
CA ALA A 202 -6.36 -8.70 -13.33
C ALA A 202 -6.94 -9.02 -11.95
N PRO A 203 -8.28 -8.94 -11.81
CA PRO A 203 -8.93 -9.22 -10.51
C PRO A 203 -8.70 -10.63 -9.95
N GLU A 204 -8.66 -11.65 -10.81
CA GLU A 204 -8.30 -13.01 -10.38
C GLU A 204 -6.86 -13.15 -9.80
N VAL A 205 -5.94 -12.31 -10.27
CA VAL A 205 -4.56 -12.29 -9.73
C VAL A 205 -4.53 -11.62 -8.35
N ILE A 206 -5.19 -10.47 -8.23
CA ILE A 206 -5.29 -9.76 -6.94
C ILE A 206 -5.93 -10.64 -5.86
N LEU A 207 -7.04 -11.32 -6.20
CA LEU A 207 -7.74 -12.20 -5.24
C LEU A 207 -7.18 -13.64 -5.14
N ALA A 208 -6.04 -13.92 -5.77
CA ALA A 208 -5.36 -15.22 -5.71
C ALA A 208 -6.29 -16.40 -6.02
N LEU A 209 -7.01 -16.31 -7.13
CA LEU A 209 -7.90 -17.37 -7.57
C LEU A 209 -7.29 -18.24 -8.66
N GLY A 210 -6.02 -18.06 -8.99
CA GLY A 210 -5.43 -18.74 -10.12
C GLY A 210 -5.67 -17.97 -11.40
N TRP A 211 -4.75 -18.11 -12.33
CA TRP A 211 -4.73 -17.31 -13.52
C TRP A 211 -4.13 -18.07 -14.68
N SER A 212 -4.49 -17.63 -15.88
CA SER A 212 -3.91 -18.16 -17.09
C SER A 212 -4.09 -17.10 -18.18
N GLN A 213 -4.26 -17.52 -19.43
CA GLN A 213 -4.28 -16.59 -20.53
C GLN A 213 -5.19 -15.37 -20.34
N PRO A 214 -6.43 -15.56 -19.79
CA PRO A 214 -7.29 -14.38 -19.65
C PRO A 214 -6.67 -13.17 -18.93
N CYS A 215 -5.75 -13.39 -17.99
CA CYS A 215 -5.14 -12.24 -17.31
C CYS A 215 -4.45 -11.28 -18.32
N ASP A 216 -3.94 -11.78 -19.43
CA ASP A 216 -3.31 -10.93 -20.43
C ASP A 216 -4.35 -10.05 -21.09
N VAL A 217 -5.53 -10.62 -21.36
CA VAL A 217 -6.64 -9.88 -22.00
C VAL A 217 -7.08 -8.69 -21.16
N TRP A 218 -7.19 -8.88 -19.84
CA TRP A 218 -7.47 -7.78 -18.94
C TRP A 218 -6.39 -6.67 -19.07
N SER A 219 -5.12 -7.04 -19.07
CA SER A 219 -4.05 -6.03 -19.18
C SER A 219 -4.17 -5.20 -20.46
N ILE A 220 -4.48 -5.87 -21.55
CA ILE A 220 -4.61 -5.21 -22.83
C ILE A 220 -5.78 -4.21 -22.78
N GLY A 221 -6.89 -4.61 -22.17
CA GLY A 221 -7.97 -3.65 -21.89
C GLY A 221 -7.50 -2.37 -21.23
N CYS A 222 -6.68 -2.50 -20.20
CA CYS A 222 -6.10 -1.36 -19.51
C CYS A 222 -5.21 -0.54 -20.42
N ILE A 223 -4.43 -1.20 -21.26
CA ILE A 223 -3.51 -0.47 -22.18
C ILE A 223 -4.31 0.41 -23.16
N LEU A 224 -5.34 -0.16 -23.76
CA LEU A 224 -6.15 0.55 -24.72
C LEU A 224 -6.83 1.81 -24.15
N ILE A 225 -7.31 1.79 -22.91
CA ILE A 225 -7.92 3.00 -22.33
C ILE A 225 -6.85 4.05 -22.11
N GLU A 226 -5.68 3.61 -21.74
CA GLU A 226 -4.57 4.51 -21.50
C GLU A 226 -4.12 5.22 -22.80
N TYR A 227 -4.04 4.46 -23.89
CA TYR A 227 -3.77 5.03 -25.23
C TYR A 227 -4.85 6.05 -25.65
N TYR A 228 -6.11 5.79 -25.25
CA TYR A 228 -7.25 6.67 -25.62
C TYR A 228 -7.32 7.95 -24.80
N LEU A 229 -7.00 7.83 -23.50
CA LEU A 229 -7.06 8.96 -22.58
C LEU A 229 -5.71 9.67 -22.40
N GLY A 230 -4.60 8.96 -22.59
CA GLY A 230 -3.26 9.53 -22.34
C GLY A 230 -2.81 9.45 -20.87
N PHE A 231 -3.62 8.82 -20.01
CA PHE A 231 -3.28 8.56 -18.62
C PHE A 231 -3.92 7.23 -18.12
N THR A 232 -3.42 6.73 -16.98
CA THR A 232 -3.90 5.45 -16.40
C THR A 232 -5.22 5.61 -15.65
N VAL A 233 -6.15 4.66 -15.79
CA VAL A 233 -7.43 4.73 -15.00
C VAL A 233 -7.36 4.13 -13.58
N PHE A 234 -6.31 3.35 -13.30
CA PHE A 234 -6.04 2.82 -11.97
C PHE A 234 -4.71 3.35 -11.40
N PRO A 235 -4.64 4.66 -11.07
CA PRO A 235 -3.42 5.23 -10.47
C PRO A 235 -3.32 4.96 -8.96
N THR A 236 -2.79 3.80 -8.61
CA THR A 236 -2.70 3.38 -7.22
C THR A 236 -1.67 2.27 -7.06
N HIS A 237 -1.06 2.20 -5.86
CA HIS A 237 -0.18 1.10 -5.50
C HIS A 237 -0.67 0.30 -4.29
N ASP A 238 -1.96 0.41 -3.97
CA ASP A 238 -2.55 -0.34 -2.87
C ASP A 238 -3.66 -1.21 -3.45
N SER A 239 -3.64 -2.51 -3.14
CA SER A 239 -4.59 -3.47 -3.70
C SER A 239 -6.05 -3.17 -3.42
N LYS A 240 -6.36 -2.83 -2.17
CA LYS A 240 -7.75 -2.59 -1.77
C LYS A 240 -8.29 -1.37 -2.52
N GLU A 241 -7.48 -0.31 -2.60
CA GLU A 241 -7.83 0.89 -3.35
C GLU A 241 -8.09 0.56 -4.85
N HIS A 242 -7.24 -0.28 -5.41
CA HIS A 242 -7.41 -0.78 -6.77
C HIS A 242 -8.78 -1.47 -6.95
N LEU A 243 -9.16 -2.31 -6.01
CA LEU A 243 -10.46 -2.97 -6.08
C LEU A 243 -11.63 -1.97 -5.98
N ALA A 244 -11.43 -0.92 -5.17
CA ALA A 244 -12.41 0.15 -5.04
C ALA A 244 -12.58 0.93 -6.34
N MET A 245 -11.47 1.18 -7.02
CA MET A 245 -11.48 1.84 -8.32
C MET A 245 -12.20 1.02 -9.37
N MET A 246 -11.95 -0.29 -9.37
CA MET A 246 -12.64 -1.21 -10.26
C MET A 246 -14.17 -1.11 -10.08
N GLU A 247 -14.62 -1.08 -8.82
CA GLU A 247 -16.04 -1.05 -8.52
C GLU A 247 -16.71 0.21 -9.05
N ARG A 248 -16.01 1.34 -8.97
CA ARG A 248 -16.52 2.60 -9.44
C ARG A 248 -16.60 2.64 -10.96
N ILE A 249 -15.62 2.04 -11.66
CA ILE A 249 -15.59 2.07 -13.13
C ILE A 249 -16.43 0.97 -13.78
N LEU A 250 -16.46 -0.21 -13.17
CA LEU A 250 -17.04 -1.40 -13.79
C LEU A 250 -18.20 -2.02 -13.03
N GLY A 251 -18.54 -1.47 -11.87
CA GLY A 251 -19.57 -2.04 -10.98
C GLY A 251 -19.02 -3.06 -9.98
N PRO A 252 -19.90 -3.55 -9.09
CA PRO A 252 -19.45 -4.45 -8.01
C PRO A 252 -18.95 -5.80 -8.53
N LEU A 253 -18.07 -6.42 -7.76
CA LEU A 253 -17.45 -7.69 -8.16
C LEU A 253 -18.44 -8.81 -8.08
N PRO A 254 -18.27 -9.86 -8.89
CA PRO A 254 -19.16 -11.01 -8.76
C PRO A 254 -19.08 -11.70 -7.39
N LYS A 255 -20.25 -12.05 -6.82
CA LYS A 255 -20.33 -12.68 -5.49
C LYS A 255 -19.58 -14.01 -5.40
N HIS A 256 -19.61 -14.81 -6.45
CA HIS A 256 -18.91 -16.10 -6.41
C HIS A 256 -17.38 -15.95 -6.36
N MET A 257 -16.82 -14.88 -6.92
CA MET A 257 -15.38 -14.59 -6.78
C MET A 257 -15.02 -14.15 -5.36
N ILE A 258 -15.89 -13.38 -4.72
CA ILE A 258 -15.68 -12.93 -3.34
C ILE A 258 -15.74 -14.09 -2.34
N GLN A 259 -16.68 -15.01 -2.55
CA GLN A 259 -16.78 -16.20 -1.70
C GLN A 259 -15.57 -17.14 -1.83
N LYS A 260 -15.00 -17.30 -3.03
CA LYS A 260 -13.84 -18.20 -3.24
C LYS A 260 -12.48 -17.68 -2.75
N THR A 261 -12.27 -16.36 -2.73
CA THR A 261 -10.93 -15.85 -2.46
C THR A 261 -10.46 -16.24 -1.06
N ARG A 262 -9.17 -16.57 -0.94
CA ARG A 262 -8.56 -16.78 0.37
C ARG A 262 -8.17 -15.45 1.03
N LYS A 263 -8.09 -14.36 0.26
CA LYS A 263 -7.75 -13.02 0.80
C LYS A 263 -8.95 -12.35 1.50
N ARG A 264 -9.31 -12.87 2.68
CA ARG A 264 -10.47 -12.38 3.43
C ARG A 264 -10.34 -10.93 3.91
N LYS A 265 -9.10 -10.44 4.10
CA LYS A 265 -8.86 -9.07 4.57
C LYS A 265 -9.62 -7.96 3.84
N TYR A 266 -9.81 -8.10 2.53
CA TYR A 266 -10.45 -7.06 1.71
C TYR A 266 -11.97 -6.89 1.89
N PHE A 267 -12.63 -7.84 2.55
CA PHE A 267 -14.11 -7.92 2.54
C PHE A 267 -14.76 -8.02 3.93
N HIS A 268 -15.95 -7.41 4.09
CA HIS A 268 -16.76 -7.55 5.30
C HIS A 268 -18.14 -8.03 4.86
N HIS A 269 -18.60 -9.14 5.44
CA HIS A 269 -19.65 -9.96 4.83
C HIS A 269 -19.20 -10.24 3.37
N ASP A 270 -19.99 -9.86 2.37
CA ASP A 270 -19.63 -10.12 0.97
C ASP A 270 -19.45 -8.83 0.16
N ARG A 271 -19.11 -7.77 0.87
CA ARG A 271 -18.93 -6.42 0.32
C ARG A 271 -17.48 -6.08 0.49
N LEU A 272 -16.97 -5.21 -0.37
CA LEU A 272 -15.62 -4.67 -0.20
C LEU A 272 -15.57 -3.75 1.04
N ASP A 273 -14.63 -4.01 1.95
CA ASP A 273 -14.46 -3.22 3.19
C ASP A 273 -13.74 -1.89 2.89
N TRP A 274 -14.52 -0.95 2.34
CA TRP A 274 -14.01 0.33 1.83
C TRP A 274 -14.87 1.46 2.39
N ASP A 275 -14.24 2.41 3.08
CA ASP A 275 -14.94 3.59 3.60
C ASP A 275 -14.97 4.68 2.49
N GLU A 276 -16.14 4.86 1.86
CA GLU A 276 -16.32 5.90 0.83
C GLU A 276 -16.04 7.32 1.30
N HIS A 277 -16.25 7.58 2.60
CA HIS A 277 -16.11 8.93 3.18
C HIS A 277 -14.77 9.19 3.87
N SER A 278 -13.79 8.31 3.69
CA SER A 278 -12.43 8.55 4.16
C SER A 278 -11.68 9.50 3.20
N SER A 279 -10.45 9.83 3.57
CA SER A 279 -9.54 10.63 2.72
C SER A 279 -9.33 9.94 1.35
N ALA A 280 -8.86 8.69 1.39
CA ALA A 280 -8.64 7.89 0.16
C ALA A 280 -9.93 7.58 -0.60
N GLY A 281 -11.02 7.39 0.13
CA GLY A 281 -12.34 7.12 -0.46
C GLY A 281 -12.91 8.25 -1.32
N ARG A 282 -12.73 9.49 -0.86
CA ARG A 282 -13.14 10.66 -1.63
C ARG A 282 -12.29 10.88 -2.88
N TYR A 283 -11.01 10.55 -2.80
CA TYR A 283 -10.11 10.56 -3.97
C TYR A 283 -10.56 9.59 -5.06
N VAL A 284 -11.03 8.40 -4.66
CA VAL A 284 -11.56 7.42 -5.63
C VAL A 284 -12.83 7.93 -6.36
N SER A 285 -13.78 8.51 -5.62
CA SER A 285 -15.04 9.08 -6.19
C SER A 285 -14.84 10.18 -7.25
N ARG A 286 -13.73 10.91 -7.11
CA ARG A 286 -13.37 12.13 -7.85
C ARG A 286 -12.50 11.74 -9.10
N ALA A 287 -11.57 10.81 -8.93
CA ALA A 287 -10.75 10.32 -10.04
C ALA A 287 -11.47 9.34 -10.98
N CYS A 288 -12.32 8.48 -10.44
CA CYS A 288 -12.95 7.39 -11.19
C CYS A 288 -14.45 7.59 -11.33
N LYS A 289 -14.98 7.10 -12.46
CA LYS A 289 -16.41 7.14 -12.79
C LYS A 289 -16.70 5.99 -13.75
N PRO A 290 -17.99 5.64 -13.96
CA PRO A 290 -18.31 4.54 -14.88
C PRO A 290 -17.62 4.63 -16.25
N LEU A 291 -17.15 3.49 -16.74
CA LEU A 291 -16.33 3.38 -17.97
C LEU A 291 -16.78 4.23 -19.17
N LYS A 292 -18.04 4.08 -19.57
CA LYS A 292 -18.54 4.79 -20.76
C LYS A 292 -18.46 6.32 -20.63
N GLU A 293 -18.47 6.84 -19.40
CA GLU A 293 -18.33 8.28 -19.17
C GLU A 293 -16.93 8.83 -19.51
N PHE A 294 -15.91 7.97 -19.67
CA PHE A 294 -14.57 8.40 -20.18
C PHE A 294 -14.52 8.73 -21.68
N MET A 295 -15.56 8.30 -22.43
CA MET A 295 -15.66 8.52 -23.90
C MET A 295 -15.65 10.00 -24.23
N LEU A 296 -14.90 10.37 -25.27
CA LEU A 296 -14.72 11.79 -25.64
C LEU A 296 -15.60 12.21 -26.80
N SER A 297 -16.40 11.28 -27.31
CA SER A 297 -17.22 11.46 -28.49
C SER A 297 -18.20 10.31 -28.54
N GLN A 298 -19.38 10.57 -29.09
CA GLN A 298 -20.43 9.56 -29.25
C GLN A 298 -20.38 8.87 -30.60
N ASP A 299 -19.51 9.35 -31.49
CA ASP A 299 -19.24 8.73 -32.79
C ASP A 299 -19.10 7.21 -32.69
N VAL A 300 -19.58 6.48 -33.69
CA VAL A 300 -19.68 5.00 -33.63
C VAL A 300 -18.33 4.28 -33.51
N GLU A 301 -17.26 4.85 -34.09
CA GLU A 301 -15.93 4.25 -33.95
C GLU A 301 -15.47 4.26 -32.49
N HIS A 302 -15.75 5.35 -31.78
CA HIS A 302 -15.49 5.43 -30.36
C HIS A 302 -16.31 4.39 -29.58
N GLU A 303 -17.60 4.26 -29.89
CA GLU A 303 -18.45 3.24 -29.23
C GLU A 303 -17.98 1.80 -29.47
N ARG A 304 -17.43 1.55 -30.65
CA ARG A 304 -16.90 0.25 -30.98
C ARG A 304 -15.67 -0.10 -30.15
N LEU A 305 -14.75 0.86 -29.99
CA LEU A 305 -13.59 0.65 -29.15
C LEU A 305 -14.04 0.33 -27.73
N PHE A 306 -14.98 1.10 -27.21
CA PHE A 306 -15.39 0.96 -25.82
C PHE A 306 -16.16 -0.32 -25.54
N ASP A 307 -16.82 -0.89 -26.55
CA ASP A 307 -17.47 -2.18 -26.39
C ASP A 307 -16.41 -3.27 -26.30
N LEU A 308 -15.36 -3.17 -27.10
CA LEU A 308 -14.22 -4.08 -27.01
C LEU A 308 -13.51 -4.03 -25.63
N ILE A 309 -13.23 -2.82 -25.18
CA ILE A 309 -12.58 -2.59 -23.88
C ILE A 309 -13.42 -3.20 -22.76
N GLN A 310 -14.72 -2.98 -22.82
CA GLN A 310 -15.63 -3.53 -21.81
C GLN A 310 -15.63 -5.05 -21.72
N LYS A 311 -15.50 -5.71 -22.87
CA LYS A 311 -15.46 -7.16 -22.91
C LYS A 311 -14.14 -7.68 -22.37
N MET A 312 -13.07 -6.93 -22.66
CA MET A 312 -11.75 -7.22 -22.07
C MET A 312 -11.73 -7.04 -20.53
N LEU A 313 -12.52 -6.09 -20.02
CA LEU A 313 -12.60 -5.83 -18.59
C LEU A 313 -13.76 -6.53 -17.88
N GLU A 314 -14.20 -7.65 -18.44
CA GLU A 314 -15.04 -8.60 -17.73
C GLU A 314 -14.30 -9.18 -16.50
N TYR A 315 -14.98 -9.16 -15.34
CA TYR A 315 -14.40 -9.60 -14.06
C TYR A 315 -14.05 -11.09 -14.05
N ASP A 316 -15.01 -11.91 -14.47
CA ASP A 316 -14.86 -13.37 -14.40
C ASP A 316 -13.98 -13.85 -15.58
N PRO A 317 -12.80 -14.42 -15.31
CA PRO A 317 -11.98 -14.85 -16.45
C PRO A 317 -12.60 -15.91 -17.34
N ALA A 318 -13.47 -16.73 -16.78
CA ALA A 318 -14.18 -17.73 -17.57
C ALA A 318 -15.13 -17.11 -18.64
N LYS A 319 -15.61 -15.89 -18.41
CA LYS A 319 -16.50 -15.19 -19.35
C LYS A 319 -15.84 -14.15 -20.23
N ARG A 320 -14.60 -13.77 -19.93
CA ARG A 320 -13.90 -12.71 -20.63
C ARG A 320 -13.66 -13.10 -22.08
N ILE A 321 -13.68 -12.12 -22.96
CA ILE A 321 -13.36 -12.35 -24.38
C ILE A 321 -11.93 -12.92 -24.54
N THR A 322 -11.75 -13.83 -25.49
CA THR A 322 -10.41 -14.32 -25.86
C THR A 322 -9.85 -13.42 -26.97
N LEU A 323 -8.56 -13.53 -27.26
CA LEU A 323 -7.98 -12.69 -28.29
C LEU A 323 -8.39 -13.18 -29.66
N ARG A 324 -8.56 -14.49 -29.82
CA ARG A 324 -9.14 -15.08 -31.05
C ARG A 324 -10.46 -14.38 -31.45
N GLU A 325 -11.37 -14.23 -30.48
CA GLU A 325 -12.63 -13.52 -30.65
C GLU A 325 -12.40 -12.01 -30.92
N ALA A 326 -11.56 -11.37 -30.12
CA ALA A 326 -11.32 -9.92 -30.25
C ALA A 326 -10.77 -9.50 -31.61
N LEU A 327 -9.97 -10.36 -32.23
CA LEU A 327 -9.47 -10.09 -33.61
C LEU A 327 -10.63 -9.97 -34.65
N LYS A 328 -11.77 -10.60 -34.36
CA LYS A 328 -12.96 -10.51 -35.18
C LYS A 328 -13.93 -9.35 -34.83
N HIS A 329 -13.58 -8.53 -33.85
CA HIS A 329 -14.50 -7.47 -33.34
C HIS A 329 -14.68 -6.36 -34.38
N PRO A 330 -15.87 -5.73 -34.42
CA PRO A 330 -16.17 -4.68 -35.44
C PRO A 330 -15.20 -3.51 -35.49
N PHE A 331 -14.60 -3.20 -34.35
CA PHE A 331 -13.62 -2.12 -34.23
C PHE A 331 -12.51 -2.26 -35.26
N PHE A 332 -12.20 -3.51 -35.62
CA PHE A 332 -11.14 -3.79 -36.58
C PHE A 332 -11.59 -3.94 -38.04
N ASP A 333 -12.90 -3.91 -38.31
CA ASP A 333 -13.45 -3.96 -39.71
C ASP A 333 -12.76 -2.97 -40.65
N LEU A 334 -12.49 -1.78 -40.14
CA LEU A 334 -11.94 -0.73 -40.97
C LEU A 334 -10.52 -1.01 -41.50
N LEU A 335 -9.83 -2.00 -40.93
CA LEU A 335 -8.53 -2.46 -41.41
C LEU A 335 -8.58 -3.51 -42.50
N LYS A 336 -9.70 -4.17 -42.68
CA LYS A 336 -9.77 -5.32 -43.57
C LYS A 336 -10.40 -4.91 -44.90
N LYS A 337 -10.49 -3.61 -45.14
CA LYS A 337 -11.31 -3.09 -46.25
C LYS A 337 -10.75 -3.49 -47.63
N SER A 338 -11.62 -3.38 -48.65
CA SER A 338 -11.24 -3.58 -50.04
C SER A 338 -12.36 -3.05 -50.91
N SER B 1 -27.77 26.36 -8.79
CA SER B 1 -28.96 26.97 -8.11
C SER B 1 -28.61 27.97 -6.97
N MET B 2 -27.37 27.99 -6.48
CA MET B 2 -27.02 28.79 -5.28
C MET B 2 -27.37 30.32 -5.31
N HIS B 3 -27.24 30.96 -6.47
CA HIS B 3 -27.69 32.35 -6.64
C HIS B 3 -29.14 32.63 -6.16
N LEU B 4 -30.01 31.61 -6.19
CA LEU B 4 -31.41 31.72 -5.79
C LEU B 4 -31.65 31.77 -4.28
N ILE B 5 -30.65 31.40 -3.46
CA ILE B 5 -30.80 31.27 -1.99
C ILE B 5 -29.75 32.02 -1.14
N CYS B 6 -28.86 32.82 -1.75
CA CYS B 6 -27.78 33.50 -1.01
C CYS B 6 -27.81 35.03 -1.14
N GLN B 7 -29.00 35.60 -1.41
CA GLN B 7 -29.24 37.05 -1.65
C GLN B 7 -29.50 37.85 -0.36
N SER B 8 -29.05 39.13 -0.32
CA SER B 8 -29.34 40.04 0.83
C SER B 8 -30.81 40.01 1.16
N GLY B 9 -31.13 39.73 2.43
CA GLY B 9 -32.49 39.69 2.90
C GLY B 9 -33.03 38.29 3.10
N ASP B 10 -32.47 37.30 2.42
CA ASP B 10 -32.95 35.91 2.59
C ASP B 10 -32.73 35.49 4.01
N VAL B 11 -33.60 34.62 4.51
CA VAL B 11 -33.48 34.07 5.85
C VAL B 11 -33.16 32.57 5.75
N LEU B 12 -32.14 32.11 6.46
CA LEU B 12 -31.76 30.69 6.47
C LEU B 12 -32.13 30.08 7.80
N SER B 13 -32.73 28.89 7.75
CA SER B 13 -33.04 28.09 8.95
C SER B 13 -33.90 28.83 9.97
N ALA B 14 -34.76 29.71 9.46
CA ALA B 14 -35.66 30.52 10.29
C ALA B 14 -34.95 31.36 11.37
N ARG B 15 -33.69 31.77 11.13
CA ARG B 15 -33.01 32.67 12.07
C ARG B 15 -31.88 33.59 11.55
N TYR B 16 -31.16 33.18 10.49
CA TYR B 16 -30.01 33.95 10.00
C TYR B 16 -30.37 34.79 8.78
N GLU B 17 -30.36 36.12 8.94
CA GLU B 17 -30.68 37.02 7.82
C GLU B 17 -29.44 37.50 7.08
N ILE B 18 -29.34 37.15 5.80
CA ILE B 18 -28.16 37.51 5.00
C ILE B 18 -28.06 39.03 4.84
N VAL B 19 -26.87 39.55 5.17
CA VAL B 19 -26.50 40.94 4.93
C VAL B 19 -25.85 41.06 3.56
N ASP B 20 -24.79 40.28 3.32
CA ASP B 20 -23.94 40.47 2.15
C ASP B 20 -23.02 39.29 1.96
N THR B 21 -22.44 39.15 0.77
CA THR B 21 -21.43 38.12 0.50
C THR B 21 -20.02 38.60 0.92
N LEU B 22 -19.32 37.78 1.70
CA LEU B 22 -17.94 38.09 2.10
C LEU B 22 -16.92 37.59 1.09
N GLY B 23 -17.16 36.43 0.51
CA GLY B 23 -16.33 35.96 -0.58
C GLY B 23 -16.80 34.63 -1.14
N GLU B 24 -16.21 34.27 -2.28
CA GLU B 24 -16.54 33.04 -3.00
C GLU B 24 -15.31 32.19 -3.17
N GLY B 25 -15.54 30.94 -3.53
CA GLY B 25 -14.46 29.98 -3.76
C GLY B 25 -14.98 28.83 -4.59
N ALA B 26 -14.13 27.84 -4.80
CA ALA B 26 -14.51 26.59 -5.50
C ALA B 26 -15.61 25.80 -4.75
N PHE B 27 -15.54 25.84 -3.41
CA PHE B 27 -16.50 25.20 -2.51
C PHE B 27 -17.89 25.84 -2.45
N GLY B 28 -18.00 27.12 -2.80
CA GLY B 28 -19.23 27.89 -2.52
C GLY B 28 -18.97 29.33 -2.11
N LYS B 29 -19.61 29.75 -1.04
CA LYS B 29 -19.83 31.17 -0.73
C LYS B 29 -19.72 31.25 0.76
N VAL B 30 -19.23 32.38 1.27
CA VAL B 30 -19.37 32.71 2.69
C VAL B 30 -20.13 34.02 2.74
N VAL B 31 -21.19 34.05 3.54
CA VAL B 31 -22.04 35.24 3.71
C VAL B 31 -22.05 35.67 5.18
N GLU B 32 -22.17 36.99 5.39
CA GLU B 32 -22.36 37.57 6.72
C GLU B 32 -23.85 37.65 7.02
N CYS B 33 -24.27 37.12 8.16
CA CYS B 33 -25.68 37.13 8.55
C CYS B 33 -25.88 37.73 9.93
N ILE B 34 -27.10 38.24 10.15
CA ILE B 34 -27.61 38.60 11.47
C ILE B 34 -28.31 37.39 12.08
N ASP B 35 -27.88 36.99 13.27
CA ASP B 35 -28.49 35.87 13.99
C ASP B 35 -29.59 36.41 14.88
N HIS B 36 -30.83 36.29 14.42
CA HIS B 36 -31.99 36.85 15.15
C HIS B 36 -32.32 36.12 16.48
N LYS B 37 -31.76 34.93 16.71
CA LYS B 37 -31.96 34.21 17.97
C LYS B 37 -30.80 34.37 18.97
N ALA B 38 -29.72 35.04 18.61
CA ALA B 38 -28.64 35.36 19.58
C ALA B 38 -28.44 36.87 19.74
N GLY B 39 -29.55 37.61 19.68
CA GLY B 39 -29.55 39.05 19.97
C GLY B 39 -29.07 39.98 18.89
N GLY B 40 -29.07 39.51 17.64
CA GLY B 40 -28.60 40.31 16.51
C GLY B 40 -27.11 40.19 16.24
N ARG B 41 -26.39 39.34 17.00
CA ARG B 41 -25.00 39.04 16.73
C ARG B 41 -24.72 38.68 15.26
N HIS B 42 -23.66 39.27 14.68
CA HIS B 42 -23.26 38.96 13.30
C HIS B 42 -22.39 37.70 13.27
N VAL B 43 -22.66 36.84 12.29
CA VAL B 43 -21.96 35.58 12.11
C VAL B 43 -21.58 35.40 10.66
N ALA B 44 -20.84 34.33 10.37
CA ALA B 44 -20.47 33.99 9.02
C ALA B 44 -21.05 32.61 8.71
N VAL B 45 -21.64 32.47 7.53
CA VAL B 45 -22.23 31.21 7.14
C VAL B 45 -21.59 30.77 5.83
N LYS B 46 -20.98 29.59 5.84
CA LYS B 46 -20.45 28.97 4.63
C LYS B 46 -21.56 28.13 3.97
N ILE B 47 -21.95 28.54 2.77
CA ILE B 47 -22.92 27.84 1.97
C ILE B 47 -22.13 27.03 0.96
N VAL B 48 -22.31 25.71 0.99
CA VAL B 48 -21.50 24.78 0.24
C VAL B 48 -22.24 24.37 -1.02
N LYS B 49 -21.52 24.32 -2.15
CA LYS B 49 -22.10 23.85 -3.42
C LYS B 49 -22.75 22.49 -3.28
N ASN B 50 -23.84 22.31 -4.02
CA ASN B 50 -24.51 21.02 -4.05
C ASN B 50 -23.82 20.16 -5.10
N VAL B 51 -22.63 19.71 -4.77
CA VAL B 51 -21.77 18.91 -5.64
C VAL B 51 -21.12 17.86 -4.73
N ASP B 52 -21.14 16.61 -5.19
CA ASP B 52 -20.72 15.46 -4.36
C ASP B 52 -19.36 15.61 -3.61
N ARG B 53 -18.33 16.04 -4.33
CA ARG B 53 -17.01 16.33 -3.78
C ARG B 53 -17.01 17.27 -2.54
N TYR B 54 -17.78 18.35 -2.63
CA TYR B 54 -17.80 19.40 -1.60
C TYR B 54 -18.77 19.10 -0.46
N CYS B 55 -19.83 18.34 -0.74
CA CYS B 55 -20.74 17.85 0.31
C CYS B 55 -20.03 16.87 1.23
N GLU B 56 -19.27 15.94 0.66
CA GLU B 56 -18.49 14.98 1.45
C GLU B 56 -17.40 15.64 2.27
N ALA B 57 -16.70 16.59 1.66
CA ALA B 57 -15.69 17.40 2.36
C ALA B 57 -16.30 18.21 3.51
N ALA B 58 -17.50 18.73 3.32
CA ALA B 58 -18.18 19.50 4.35
C ALA B 58 -18.59 18.63 5.53
N ARG B 59 -19.11 17.43 5.26
CA ARG B 59 -19.49 16.49 6.33
C ARG B 59 -18.25 16.07 7.15
N SER B 60 -17.14 15.87 6.46
CA SER B 60 -15.87 15.59 7.13
C SER B 60 -15.41 16.75 8.04
N GLU B 61 -15.42 17.98 7.51
CA GLU B 61 -15.07 19.17 8.29
C GLU B 61 -15.90 19.26 9.56
N ILE B 62 -17.19 18.97 9.47
CA ILE B 62 -18.08 19.01 10.64
C ILE B 62 -17.68 18.00 11.72
N GLN B 63 -17.26 16.80 11.34
CA GLN B 63 -16.73 15.83 12.32
C GLN B 63 -15.45 16.39 13.01
N VAL B 64 -14.50 16.86 12.19
CA VAL B 64 -13.22 17.34 12.70
C VAL B 64 -13.39 18.55 13.64
N LEU B 65 -14.18 19.55 13.25
CA LEU B 65 -14.39 20.75 14.10
CA LEU B 65 -14.39 20.75 14.11
C LEU B 65 -15.17 20.48 15.39
N GLU B 66 -16.02 19.45 15.39
CA GLU B 66 -16.77 19.05 16.59
C GLU B 66 -15.77 18.57 17.66
N HIS B 67 -14.83 17.73 17.23
CA HIS B 67 -13.78 17.21 18.09
C HIS B 67 -12.86 18.37 18.54
N LEU B 68 -12.40 19.21 17.62
CA LEU B 68 -11.46 20.30 17.98
C LEU B 68 -12.07 21.39 18.86
N ASN B 69 -13.33 21.73 18.63
CA ASN B 69 -13.96 22.79 19.42
C ASN B 69 -14.30 22.32 20.84
N THR B 70 -14.67 21.04 21.02
CA THR B 70 -14.88 20.52 22.38
C THR B 70 -13.54 20.32 23.14
N THR B 71 -12.50 19.85 22.46
CA THR B 71 -11.16 19.73 23.05
C THR B 71 -10.54 21.09 23.46
N ASP B 72 -10.83 22.17 22.71
CA ASP B 72 -10.31 23.54 22.98
C ASP B 72 -11.48 24.56 22.87
N PRO B 73 -12.36 24.59 23.88
CA PRO B 73 -13.59 25.44 23.82
C PRO B 73 -13.36 26.95 23.75
N ASN B 74 -12.20 27.42 24.19
CA ASN B 74 -11.93 28.86 24.16
C ASN B 74 -11.14 29.36 22.96
N SER B 75 -10.84 28.46 22.01
CA SER B 75 -10.01 28.77 20.85
C SER B 75 -8.61 29.29 21.27
N THR B 76 -8.06 28.69 22.33
CA THR B 76 -6.72 28.98 22.77
C THR B 76 -5.72 28.75 21.63
N PHE B 77 -5.94 27.70 20.84
CA PHE B 77 -5.06 27.34 19.71
C PHE B 77 -5.54 27.81 18.32
N ARG B 78 -6.50 28.73 18.31
CA ARG B 78 -6.83 29.53 17.12
C ARG B 78 -7.35 28.75 15.90
N CYS B 79 -8.04 27.64 16.13
CA CYS B 79 -8.91 27.03 15.12
C CYS B 79 -10.23 27.76 15.20
N VAL B 80 -10.77 28.10 14.04
CA VAL B 80 -12.09 28.74 13.95
C VAL B 80 -13.20 27.97 14.72
N GLN B 81 -14.06 28.75 15.37
CA GLN B 81 -15.18 28.26 16.16
C GLN B 81 -16.39 27.98 15.23
N MET B 82 -16.80 26.71 15.11
CA MET B 82 -18.08 26.34 14.49
C MET B 82 -19.23 26.42 15.50
N LEU B 83 -20.25 27.18 15.17
CA LEU B 83 -21.40 27.40 16.04
C LEU B 83 -22.58 26.44 15.79
N GLU B 84 -22.84 26.10 14.52
CA GLU B 84 -23.68 24.95 14.17
C GLU B 84 -23.73 24.67 12.66
N TRP B 85 -24.41 23.62 12.27
CA TRP B 85 -24.70 23.35 10.87
C TRP B 85 -26.18 22.98 10.62
N PHE B 86 -26.62 23.18 9.38
CA PHE B 86 -27.99 22.88 8.96
C PHE B 86 -28.05 22.72 7.46
N GLU B 87 -29.20 22.29 6.97
CA GLU B 87 -29.40 22.08 5.55
C GLU B 87 -30.47 23.10 5.04
N HIS B 88 -30.26 23.63 3.84
CA HIS B 88 -31.11 24.71 3.30
C HIS B 88 -31.25 24.52 1.79
N HIS B 89 -32.43 24.07 1.37
CA HIS B 89 -32.70 23.78 -0.04
C HIS B 89 -31.59 22.92 -0.70
N GLY B 90 -31.18 21.84 -0.03
CA GLY B 90 -30.14 20.93 -0.55
C GLY B 90 -28.68 21.40 -0.45
N HIS B 91 -28.41 22.45 0.31
CA HIS B 91 -27.06 22.95 0.47
C HIS B 91 -26.70 22.83 1.93
N ILE B 92 -25.54 22.23 2.21
CA ILE B 92 -25.00 22.21 3.57
C ILE B 92 -24.47 23.61 3.90
N CYS B 93 -24.92 24.12 5.04
CA CYS B 93 -24.52 25.43 5.54
C CYS B 93 -23.86 25.23 6.88
N ILE B 94 -22.74 25.90 7.11
CA ILE B 94 -22.02 25.82 8.37
C ILE B 94 -21.83 27.24 8.93
N VAL B 95 -22.15 27.43 10.20
CA VAL B 95 -22.12 28.74 10.84
C VAL B 95 -20.83 28.90 11.68
N PHE B 96 -20.13 30.02 11.49
CA PHE B 96 -18.89 30.28 12.17
C PHE B 96 -18.96 31.62 12.90
N GLU B 97 -18.05 31.80 13.83
CA GLU B 97 -17.77 33.13 14.33
C GLU B 97 -17.36 34.01 13.13
N LEU B 98 -17.73 35.28 13.18
CA LEU B 98 -17.36 36.21 12.11
C LEU B 98 -15.91 36.67 12.25
N LEU B 99 -15.11 36.47 11.19
CA LEU B 99 -13.72 36.94 11.10
C LEU B 99 -13.57 37.96 9.98
N GLY B 100 -12.35 38.48 9.82
CA GLY B 100 -11.97 39.40 8.75
C GLY B 100 -11.45 38.65 7.53
N LEU B 101 -10.92 39.39 6.56
CA LEU B 101 -10.39 38.85 5.31
C LEU B 101 -9.32 37.78 5.53
N SER B 102 -9.15 36.90 4.54
CA SER B 102 -8.00 36.02 4.49
C SER B 102 -6.70 36.82 4.24
N THR B 103 -5.58 36.21 4.62
CA THR B 103 -4.28 36.82 4.43
C THR B 103 -3.94 36.93 2.95
N TYR B 104 -4.40 35.98 2.13
CA TYR B 104 -4.27 36.10 0.68
C TYR B 104 -5.02 37.34 0.16
N ASP B 105 -6.29 37.49 0.56
CA ASP B 105 -7.13 38.57 0.06
C ASP B 105 -6.56 39.93 0.46
N PHE B 106 -5.97 40.02 1.66
CA PHE B 106 -5.38 41.29 2.10
C PHE B 106 -4.23 41.69 1.21
N ILE B 107 -3.35 40.75 0.94
CA ILE B 107 -2.24 40.94 0.02
C ILE B 107 -2.71 41.39 -1.36
N LYS B 108 -3.70 40.68 -1.90
CA LYS B 108 -4.30 41.00 -3.21
C LYS B 108 -4.87 42.42 -3.29
N GLU B 109 -5.68 42.78 -2.29
CA GLU B 109 -6.27 44.11 -2.23
C GLU B 109 -5.25 45.21 -2.03
N ASN B 110 -4.10 44.89 -1.44
CA ASN B 110 -3.04 45.85 -1.22
C ASN B 110 -2.03 45.87 -2.39
N GLY B 111 -2.38 45.32 -3.55
CA GLY B 111 -1.53 45.39 -4.71
C GLY B 111 -0.32 44.45 -4.70
N PHE B 112 -0.50 43.30 -4.04
CA PHE B 112 0.54 42.30 -3.89
C PHE B 112 1.84 42.80 -3.20
N LEU B 113 1.67 43.59 -2.14
CA LEU B 113 2.77 44.02 -1.29
C LEU B 113 2.86 43.03 -0.11
N PRO B 114 4.07 42.84 0.43
CA PRO B 114 4.26 41.97 1.58
C PRO B 114 3.83 42.59 2.91
N PHE B 115 3.72 41.76 3.94
CA PHE B 115 3.53 42.25 5.30
C PHE B 115 4.86 42.68 5.89
N ARG B 116 4.84 43.59 6.83
CA ARG B 116 6.09 43.93 7.50
C ARG B 116 6.47 42.91 8.59
N LEU B 117 7.75 42.85 8.88
CA LEU B 117 8.39 41.70 9.54
C LEU B 117 7.88 41.43 10.94
N ASP B 118 7.60 42.48 11.70
CA ASP B 118 7.06 42.31 13.07
C ASP B 118 5.68 41.66 13.05
N HIS B 119 4.87 41.93 12.03
CA HIS B 119 3.59 41.23 11.81
C HIS B 119 3.77 39.79 11.34
N ILE B 120 4.65 39.59 10.36
CA ILE B 120 5.08 38.24 9.98
C ILE B 120 5.51 37.40 11.19
N ARG B 121 6.25 37.98 12.14
CA ARG B 121 6.69 37.21 13.32
C ARG B 121 5.50 36.70 14.16
N LYS B 122 4.54 37.58 14.43
CA LYS B 122 3.29 37.23 15.18
C LYS B 122 2.43 36.25 14.45
N MET B 123 2.23 36.47 13.16
CA MET B 123 1.40 35.56 12.37
C MET B 123 2.03 34.15 12.32
N ALA B 124 3.33 34.10 12.06
CA ALA B 124 4.07 32.85 12.00
C ALA B 124 4.01 32.09 13.32
N TYR B 125 4.14 32.82 14.42
CA TYR B 125 4.09 32.18 15.72
C TYR B 125 2.71 31.50 15.95
N GLN B 126 1.65 32.27 15.70
CA GLN B 126 0.27 31.82 15.84
C GLN B 126 -0.11 30.66 14.93
N ILE B 127 0.36 30.70 13.68
CA ILE B 127 0.12 29.60 12.75
C ILE B 127 0.80 28.34 13.25
N CYS B 128 2.08 28.45 13.65
CA CYS B 128 2.82 27.28 14.12
C CYS B 128 2.20 26.67 15.36
N LYS B 129 1.70 27.54 16.25
CA LYS B 129 1.07 27.10 17.49
C LYS B 129 -0.24 26.33 17.20
N SER B 130 -1.02 26.87 16.28
CA SER B 130 -2.31 26.32 15.96
C SER B 130 -2.20 24.96 15.27
N VAL B 131 -1.30 24.86 14.30
CA VAL B 131 -1.15 23.62 13.56
C VAL B 131 -0.44 22.54 14.41
N ASN B 132 0.48 22.96 15.28
CA ASN B 132 1.11 22.04 16.23
C ASN B 132 0.08 21.42 17.17
N PHE B 133 -0.97 22.19 17.50
CA PHE B 133 -2.09 21.65 18.28
C PHE B 133 -2.81 20.56 17.48
N LEU B 134 -3.02 20.79 16.17
CA LEU B 134 -3.50 19.71 15.29
C LEU B 134 -2.58 18.47 15.31
N HIS B 135 -1.29 18.71 15.14
CA HIS B 135 -0.29 17.62 15.15
C HIS B 135 -0.23 16.85 16.48
N SER B 136 -0.51 17.52 17.59
CA SER B 136 -0.68 16.85 18.87
C SER B 136 -1.92 15.95 19.00
N ASN B 137 -2.97 16.19 18.20
CA ASN B 137 -4.20 15.35 18.23
C ASN B 137 -4.32 14.39 17.04
N LYS B 138 -3.18 14.00 16.47
CA LYS B 138 -3.10 12.94 15.47
C LYS B 138 -3.73 13.33 14.13
N LEU B 139 -3.64 14.62 13.81
CA LEU B 139 -4.20 15.20 12.58
C LEU B 139 -3.12 15.91 11.72
N THR B 140 -3.33 15.89 10.42
CA THR B 140 -2.62 16.72 9.46
C THR B 140 -3.69 17.47 8.66
N HIS B 141 -3.48 18.78 8.48
CA HIS B 141 -4.43 19.67 7.77
C HIS B 141 -4.42 19.33 6.28
N THR B 142 -3.22 19.26 5.71
CA THR B 142 -2.96 18.93 4.28
C THR B 142 -3.27 20.04 3.24
N ASP B 143 -4.00 21.09 3.60
CA ASP B 143 -4.36 22.15 2.69
C ASP B 143 -4.08 23.55 3.26
N LEU B 144 -2.89 23.74 3.82
CA LEU B 144 -2.53 25.02 4.39
C LEU B 144 -2.04 25.95 3.30
N LYS B 145 -2.56 27.17 3.31
CA LYS B 145 -2.24 28.18 2.32
C LYS B 145 -2.83 29.52 2.77
N PRO B 146 -2.39 30.64 2.16
CA PRO B 146 -2.82 31.95 2.69
C PRO B 146 -4.34 32.20 2.67
N GLU B 147 -5.05 31.61 1.72
CA GLU B 147 -6.53 31.71 1.70
C GLU B 147 -7.16 31.09 2.93
N ASN B 148 -6.50 30.11 3.54
CA ASN B 148 -7.02 29.45 4.73
C ASN B 148 -6.49 29.98 6.06
N ILE B 149 -5.71 31.07 6.05
CA ILE B 149 -5.39 31.80 7.29
C ILE B 149 -6.14 33.11 7.26
N LEU B 150 -6.94 33.40 8.31
CA LEU B 150 -7.80 34.58 8.31
C LEU B 150 -7.49 35.50 9.47
N PHE B 151 -7.49 36.81 9.21
CA PHE B 151 -7.36 37.81 10.27
C PHE B 151 -8.63 37.82 11.13
N VAL B 152 -8.47 37.87 12.45
CA VAL B 152 -9.59 38.09 13.37
C VAL B 152 -10.26 39.44 13.06
N GLN B 153 -9.46 40.47 12.79
CA GLN B 153 -9.93 41.76 12.27
C GLN B 153 -8.96 42.26 11.20
N SER B 154 -9.49 42.60 10.02
CA SER B 154 -8.69 42.98 8.86
C SER B 154 -8.66 44.50 8.65
N ASP B 155 -9.08 45.25 9.65
CA ASP B 155 -9.09 46.69 9.49
C ASP B 155 -7.64 47.25 9.40
N TYR B 156 -7.50 48.34 8.64
CA TYR B 156 -6.23 48.97 8.36
C TYR B 156 -6.31 50.50 8.44
N THR B 157 -5.17 51.15 8.68
CA THR B 157 -5.04 52.59 8.48
C THR B 157 -4.38 52.78 7.14
N GLU B 158 -4.61 53.95 6.56
CA GLU B 158 -4.12 54.29 5.23
C GLU B 158 -3.50 55.68 5.31
N ALA B 159 -2.30 55.82 4.81
CA ALA B 159 -1.59 57.11 4.81
C ALA B 159 -0.72 57.25 3.57
N TYR B 160 -0.42 58.51 3.21
CA TYR B 160 0.54 58.80 2.13
C TYR B 160 1.96 58.53 2.63
N ASN B 161 2.72 57.76 1.88
CA ASN B 161 4.10 57.42 2.23
C ASN B 161 5.02 58.20 1.27
N PRO B 162 5.62 59.33 1.74
CA PRO B 162 6.47 60.14 0.86
C PRO B 162 7.79 59.47 0.40
N LYS B 163 8.28 58.46 1.13
CA LYS B 163 9.44 57.66 0.66
C LYS B 163 9.26 57.02 -0.74
N ILE B 164 8.05 56.53 -1.01
CA ILE B 164 7.72 55.86 -2.28
C ILE B 164 6.64 56.63 -3.11
N LYS B 165 6.37 57.88 -2.74
CA LYS B 165 5.41 58.78 -3.45
C LYS B 165 4.01 58.18 -3.80
N ARG B 166 3.45 57.37 -2.88
CA ARG B 166 2.17 56.58 -3.01
C ARG B 166 1.40 56.43 -1.68
N ASP B 167 0.08 56.17 -1.71
CA ASP B 167 -0.69 55.73 -0.48
C ASP B 167 -0.40 54.27 -0.09
N GLU B 168 -0.50 53.94 1.20
CA GLU B 168 -0.12 52.61 1.73
C GLU B 168 -0.96 52.13 2.91
N ARG B 169 -1.41 50.87 2.87
CA ARG B 169 -2.20 50.27 3.95
C ARG B 169 -1.31 49.66 5.01
N THR B 170 -1.70 49.82 6.28
CA THR B 170 -1.06 49.15 7.42
C THR B 170 -2.12 48.46 8.26
N LEU B 171 -2.06 47.13 8.34
CA LEU B 171 -2.82 46.37 9.34
C LEU B 171 -2.75 46.94 10.74
N ILE B 172 -3.88 46.96 11.45
CA ILE B 172 -3.91 47.38 12.86
C ILE B 172 -3.61 46.23 13.82
N ASN B 173 -4.11 45.03 13.53
CA ASN B 173 -4.01 43.91 14.48
C ASN B 173 -3.79 42.66 13.65
N PRO B 174 -2.64 42.01 13.84
CA PRO B 174 -2.31 40.86 13.00
C PRO B 174 -2.76 39.48 13.51
N ASP B 175 -3.53 39.41 14.58
CA ASP B 175 -3.98 38.09 15.07
C ASP B 175 -4.72 37.33 13.97
N ILE B 176 -4.49 36.00 13.92
CA ILE B 176 -5.13 35.11 12.92
C ILE B 176 -5.86 33.88 13.47
N LYS B 177 -6.56 33.20 12.58
CA LYS B 177 -7.14 31.86 12.82
C LYS B 177 -7.02 30.98 11.60
N VAL B 178 -6.94 29.68 11.82
CA VAL B 178 -6.85 28.70 10.75
C VAL B 178 -8.27 28.20 10.42
N VAL B 179 -8.61 28.08 9.13
CA VAL B 179 -9.89 27.50 8.66
C VAL B 179 -9.66 26.31 7.70
N ASP B 180 -10.79 25.74 7.28
CA ASP B 180 -10.89 24.67 6.27
C ASP B 180 -10.30 23.34 6.72
N PHE B 181 -11.18 22.51 7.28
CA PHE B 181 -10.81 21.21 7.84
C PHE B 181 -11.42 20.04 7.05
N GLY B 182 -11.80 20.31 5.79
CA GLY B 182 -12.38 19.33 4.91
C GLY B 182 -11.45 18.28 4.35
N SER B 183 -10.14 18.56 4.30
CA SER B 183 -9.10 17.56 3.89
C SER B 183 -8.34 16.97 5.05
N ALA B 184 -8.61 17.48 6.26
CA ALA B 184 -7.84 17.05 7.44
C ALA B 184 -8.00 15.54 7.70
N THR B 185 -6.88 14.87 7.95
CA THR B 185 -6.79 13.43 8.00
C THR B 185 -6.18 12.97 9.30
N TYR B 186 -6.79 11.97 9.94
CA TYR B 186 -6.24 11.35 11.17
C TYR B 186 -5.06 10.40 10.81
N ASP B 187 -4.10 10.23 11.73
CA ASP B 187 -3.00 9.27 11.56
C ASP B 187 -3.48 7.88 11.14
N ASP B 188 -4.55 7.43 11.77
CA ASP B 188 -5.06 6.08 11.57
C ASP B 188 -6.05 5.90 10.37
N GLU B 189 -6.39 6.98 9.64
CA GLU B 189 -7.22 6.89 8.41
C GLU B 189 -6.35 6.48 7.23
N HIS B 190 -6.99 6.10 6.13
CA HIS B 190 -6.28 5.81 4.89
C HIS B 190 -5.93 7.15 4.17
N HIS B 191 -4.64 7.36 3.93
CA HIS B 191 -4.12 8.60 3.25
C HIS B 191 -4.31 8.46 1.69
N SER B 192 -4.93 9.44 1.02
CA SER B 192 -4.90 9.51 -0.46
C SER B 192 -3.51 9.83 -0.98
N THR B 193 -3.29 9.54 -2.26
CA THR B 193 -1.98 9.80 -2.87
C THR B 193 -1.74 11.30 -3.18
N LEU B 194 -2.72 11.96 -3.80
CA LEU B 194 -2.72 13.44 -3.96
C LEU B 194 -3.40 14.21 -2.79
N VAL B 195 -2.64 15.10 -2.11
CA VAL B 195 -3.20 16.18 -1.25
C VAL B 195 -2.51 17.55 -1.51
N SER B 196 -3.14 18.64 -1.00
CA SER B 196 -2.63 20.02 -0.99
C SER B 196 -2.87 20.72 -2.32
N THR B 197 -3.10 22.05 -2.29
CA THR B 197 -3.01 22.90 -3.50
C THR B 197 -1.57 22.91 -4.02
N ARG B 198 -1.41 22.78 -5.35
CA ARG B 198 -0.10 22.43 -5.94
C ARG B 198 1.05 23.36 -5.53
N HIS B 199 0.78 24.65 -5.32
CA HIS B 199 1.85 25.58 -4.97
C HIS B 199 2.41 25.31 -3.55
N TYR B 200 1.60 24.70 -2.66
CA TYR B 200 2.04 24.43 -1.27
C TYR B 200 2.30 22.95 -0.97
N ARG B 201 2.54 22.18 -2.02
CA ARG B 201 2.58 20.74 -1.93
C ARG B 201 4.01 20.25 -1.74
N ALA B 202 4.21 19.43 -0.72
CA ALA B 202 5.56 18.98 -0.32
C ALA B 202 6.15 17.97 -1.31
N PRO B 203 7.50 17.92 -1.42
CA PRO B 203 8.14 17.02 -2.37
C PRO B 203 7.77 15.52 -2.20
N GLU B 204 7.63 15.05 -0.96
CA GLU B 204 7.18 13.67 -0.70
C GLU B 204 5.75 13.36 -1.23
N VAL B 205 4.88 14.36 -1.28
CA VAL B 205 3.55 14.21 -1.86
C VAL B 205 3.63 14.13 -3.41
N ILE B 206 4.39 15.04 -4.02
CA ILE B 206 4.62 15.03 -5.49
C ILE B 206 5.22 13.69 -5.96
N LEU B 207 6.25 13.20 -5.27
CA LEU B 207 6.90 11.92 -5.62
C LEU B 207 6.23 10.63 -5.05
N ALA B 208 5.04 10.77 -4.43
CA ALA B 208 4.23 9.64 -3.92
C ALA B 208 5.01 8.71 -3.01
N LEU B 209 5.70 9.29 -2.05
CA LEU B 209 6.48 8.53 -1.07
C LEU B 209 5.73 8.37 0.27
N GLY B 210 4.47 8.79 0.34
CA GLY B 210 3.74 8.78 1.63
C GLY B 210 4.01 10.05 2.41
N TRP B 211 3.07 10.42 3.26
CA TRP B 211 3.12 11.70 3.93
C TRP B 211 2.41 11.66 5.26
N SER B 212 2.75 12.63 6.11
CA SER B 212 2.06 12.81 7.37
C SER B 212 2.28 14.25 7.82
N GLN B 213 2.41 14.48 9.13
CA GLN B 213 2.56 15.84 9.68
C GLN B 213 3.60 16.72 8.98
N PRO B 214 4.79 16.20 8.65
CA PRO B 214 5.78 17.07 7.99
C PRO B 214 5.32 17.80 6.74
N CYS B 215 4.39 17.21 5.97
CA CYS B 215 3.88 17.94 4.78
C CYS B 215 3.26 19.31 5.15
N ASP B 216 2.70 19.45 6.36
CA ASP B 216 2.16 20.75 6.82
C ASP B 216 3.26 21.77 7.06
N VAL B 217 4.38 21.30 7.60
CA VAL B 217 5.52 22.16 7.88
C VAL B 217 6.06 22.76 6.57
N TRP B 218 6.16 21.94 5.52
CA TRP B 218 6.58 22.44 4.21
C TRP B 218 5.63 23.56 3.69
N SER B 219 4.33 23.34 3.81
CA SER B 219 3.36 24.33 3.38
C SER B 219 3.55 25.64 4.12
N ILE B 220 3.79 25.56 5.43
CA ILE B 220 4.00 26.77 6.24
C ILE B 220 5.26 27.54 5.76
N GLY B 221 6.31 26.81 5.47
CA GLY B 221 7.48 27.41 4.87
C GLY B 221 7.16 28.24 3.63
N CYS B 222 6.34 27.68 2.74
CA CYS B 222 5.87 28.38 1.55
C CYS B 222 5.06 29.60 1.88
N ILE B 223 4.20 29.50 2.90
CA ILE B 223 3.38 30.66 3.31
C ILE B 223 4.27 31.84 3.79
N LEU B 224 5.23 31.54 4.67
CA LEU B 224 6.12 32.59 5.23
C LEU B 224 6.94 33.38 4.18
N ILE B 225 7.42 32.72 3.15
CA ILE B 225 8.13 33.46 2.08
C ILE B 225 7.18 34.36 1.32
N GLU B 226 5.95 33.87 1.13
CA GLU B 226 4.93 34.59 0.40
C GLU B 226 4.57 35.87 1.16
N TYR B 227 4.41 35.77 2.47
CA TYR B 227 4.19 36.94 3.34
C TYR B 227 5.33 37.96 3.30
N TYR B 228 6.57 37.45 3.16
CA TYR B 228 7.79 38.29 3.11
C TYR B 228 8.02 38.96 1.76
N LEU B 229 7.69 38.25 0.68
CA LEU B 229 7.83 38.77 -0.68
C LEU B 229 6.56 39.39 -1.26
N GLY B 230 5.38 38.94 -0.83
CA GLY B 230 4.10 39.36 -1.42
C GLY B 230 3.66 38.61 -2.67
N PHE B 231 4.42 37.58 -3.05
CA PHE B 231 4.05 36.72 -4.15
C PHE B 231 4.48 35.27 -3.87
N THR B 232 3.92 34.34 -4.63
CA THR B 232 4.29 32.90 -4.55
C THR B 232 5.63 32.53 -5.20
N VAL B 233 6.45 31.69 -4.56
CA VAL B 233 7.77 31.33 -5.18
C VAL B 233 7.70 30.18 -6.14
N PHE B 234 6.61 29.43 -6.10
CA PHE B 234 6.33 28.34 -7.05
C PHE B 234 5.08 28.58 -7.91
N PRO B 235 5.12 29.57 -8.83
CA PRO B 235 3.95 29.89 -9.69
C PRO B 235 3.87 28.96 -10.91
N THR B 236 3.27 27.80 -10.73
CA THR B 236 3.24 26.79 -11.78
C THR B 236 2.13 25.81 -11.51
N HIS B 237 1.56 25.24 -12.57
CA HIS B 237 0.57 24.16 -12.44
C HIS B 237 1.06 22.83 -13.12
N ASP B 238 2.37 22.69 -13.34
CA ASP B 238 2.95 21.46 -13.86
C ASP B 238 3.96 20.91 -12.83
N SER B 239 3.84 19.63 -12.48
CA SER B 239 4.67 19.00 -11.44
C SER B 239 6.19 19.03 -11.69
N LYS B 240 6.59 18.68 -12.91
CA LYS B 240 8.01 18.64 -13.26
C LYS B 240 8.62 20.03 -13.15
N GLU B 241 7.90 21.04 -13.66
CA GLU B 241 8.32 22.44 -13.54
C GLU B 241 8.48 22.85 -12.06
N HIS B 242 7.52 22.43 -11.23
CA HIS B 242 7.58 22.65 -9.78
C HIS B 242 8.88 22.06 -9.15
N LEU B 243 9.21 20.82 -9.53
CA LEU B 243 10.45 20.21 -9.09
C LEU B 243 11.71 20.97 -9.58
N ALA B 244 11.65 21.48 -10.80
CA ALA B 244 12.73 22.30 -11.35
C ALA B 244 12.91 23.60 -10.56
N MET B 245 11.79 24.21 -10.18
CA MET B 245 11.80 25.41 -9.34
C MET B 245 12.41 25.16 -7.97
N MET B 246 12.06 24.03 -7.37
CA MET B 246 12.64 23.63 -6.13
C MET B 246 14.18 23.51 -6.22
N GLU B 247 14.68 22.90 -7.30
CA GLU B 247 16.10 22.69 -7.44
C GLU B 247 16.85 24.01 -7.53
N ARG B 248 16.25 25.00 -8.21
CA ARG B 248 16.87 26.29 -8.38
C ARG B 248 16.90 27.06 -7.08
N ILE B 249 15.86 26.94 -6.25
CA ILE B 249 15.79 27.65 -4.98
C ILE B 249 16.53 26.94 -3.82
N LEU B 250 16.47 25.63 -3.78
CA LEU B 250 16.92 24.85 -2.63
C LEU B 250 18.04 23.87 -2.91
N GLY B 251 18.46 23.76 -4.18
CA GLY B 251 19.46 22.79 -4.59
C GLY B 251 18.86 21.45 -5.05
N PRO B 252 19.70 20.54 -5.55
CA PRO B 252 19.22 19.25 -6.05
C PRO B 252 18.58 18.36 -4.98
N LEU B 253 17.66 17.50 -5.41
CA LEU B 253 16.91 16.64 -4.52
C LEU B 253 17.80 15.54 -3.97
N PRO B 254 17.49 15.01 -2.77
CA PRO B 254 18.29 13.90 -2.25
C PRO B 254 18.19 12.66 -3.12
N LYS B 255 19.34 12.02 -3.37
CA LYS B 255 19.39 10.82 -4.20
C LYS B 255 18.50 9.69 -3.71
N HIS B 256 18.40 9.51 -2.41
CA HIS B 256 17.61 8.39 -1.89
C HIS B 256 16.12 8.58 -2.15
N MET B 257 15.66 9.82 -2.19
CA MET B 257 14.26 10.09 -2.55
C MET B 257 13.99 9.79 -4.03
N ILE B 258 14.96 10.10 -4.89
CA ILE B 258 14.84 9.83 -6.32
C ILE B 258 14.83 8.33 -6.63
N GLN B 259 15.67 7.57 -5.94
CA GLN B 259 15.72 6.12 -6.09
C GLN B 259 14.44 5.41 -5.61
N LYS B 260 13.81 5.89 -4.53
CA LYS B 260 12.54 5.30 -4.03
C LYS B 260 11.25 5.60 -4.84
N THR B 261 11.15 6.77 -5.50
CA THR B 261 9.88 7.18 -6.08
C THR B 261 9.43 6.20 -7.16
N ARG B 262 8.13 5.92 -7.21
CA ARG B 262 7.57 5.14 -8.30
C ARG B 262 7.34 6.01 -9.56
N LYS B 263 7.32 7.34 -9.40
CA LYS B 263 7.13 8.27 -10.53
C LYS B 263 8.42 8.45 -11.36
N ARG B 264 8.79 7.41 -12.11
CA ARG B 264 10.03 7.42 -12.90
C ARG B 264 10.04 8.48 -14.02
N LYS B 265 8.87 8.90 -14.51
CA LYS B 265 8.77 9.88 -15.62
C LYS B 265 9.60 11.16 -15.45
N TYR B 266 9.73 11.64 -14.22
CA TYR B 266 10.43 12.90 -13.94
C TYR B 266 11.97 12.86 -14.05
N PHE B 267 12.58 11.68 -14.14
CA PHE B 267 14.04 11.53 -13.95
C PHE B 267 14.74 10.75 -15.08
N HIS B 268 15.98 11.13 -15.40
CA HIS B 268 16.86 10.39 -16.36
C HIS B 268 18.18 10.13 -15.64
N HIS B 269 18.59 8.86 -15.61
CA HIS B 269 19.50 8.36 -14.59
C HIS B 269 18.96 8.81 -13.21
N ASP B 270 19.73 9.56 -12.42
CA ASP B 270 19.26 10.01 -11.09
C ASP B 270 19.18 11.54 -11.01
N ARG B 271 18.96 12.18 -12.16
CA ARG B 271 18.87 13.63 -12.29
C ARG B 271 17.45 13.92 -12.72
N LEU B 272 16.96 15.12 -12.43
CA LEU B 272 15.70 15.60 -12.98
C LEU B 272 15.81 15.80 -14.51
N ASP B 273 14.89 15.20 -15.27
CA ASP B 273 14.86 15.31 -16.76
C ASP B 273 14.26 16.67 -17.19
N TRP B 274 15.12 17.70 -17.11
CA TRP B 274 14.73 19.10 -17.31
C TRP B 274 15.74 19.81 -18.25
N ASP B 275 15.26 20.38 -19.35
CA ASP B 275 16.10 21.15 -20.27
C ASP B 275 16.16 22.62 -19.83
N GLU B 276 17.29 23.04 -19.24
CA GLU B 276 17.48 24.44 -18.79
C GLU B 276 17.34 25.50 -19.91
N HIS B 277 17.68 25.11 -21.15
CA HIS B 277 17.69 26.02 -22.30
C HIS B 277 16.42 25.97 -23.17
N SER B 278 15.35 25.30 -22.69
CA SER B 278 14.04 25.35 -23.37
C SER B 278 13.32 26.67 -23.06
N SER B 279 12.15 26.83 -23.67
CA SER B 279 11.26 27.94 -23.37
C SER B 279 10.89 28.00 -21.86
N ALA B 280 10.32 26.91 -21.34
CA ALA B 280 9.95 26.80 -19.90
C ALA B 280 11.16 26.87 -18.96
N GLY B 281 12.27 26.30 -19.42
CA GLY B 281 13.51 26.29 -18.65
C GLY B 281 14.11 27.65 -18.39
N ARG B 282 14.05 28.54 -19.38
CA ARG B 282 14.50 29.93 -19.23
C ARG B 282 13.60 30.75 -18.29
N TYR B 283 12.29 30.47 -18.32
CA TYR B 283 11.34 31.07 -17.37
C TYR B 283 11.65 30.70 -15.92
N VAL B 284 12.05 29.45 -15.66
CA VAL B 284 12.46 29.03 -14.32
C VAL B 284 13.73 29.76 -13.83
N SER B 285 14.75 29.88 -14.68
CA SER B 285 16.02 30.58 -14.35
C SER B 285 15.84 32.05 -13.91
N ARG B 286 14.78 32.71 -14.40
CA ARG B 286 14.54 34.14 -14.16
C ARG B 286 13.56 34.39 -13.03
N ALA B 287 12.54 33.54 -12.91
CA ALA B 287 11.60 33.62 -11.81
C ALA B 287 12.18 33.14 -10.46
N CYS B 288 13.06 32.15 -10.52
CA CYS B 288 13.65 31.56 -9.34
C CYS B 288 15.18 31.71 -9.21
N LYS B 289 15.65 31.79 -7.97
CA LYS B 289 17.09 31.87 -7.64
C LYS B 289 17.28 31.31 -6.23
N PRO B 290 18.53 31.00 -5.82
CA PRO B 290 18.76 30.44 -4.47
C PRO B 290 18.09 31.24 -3.33
N LEU B 291 17.49 30.51 -2.39
CA LEU B 291 16.62 31.06 -1.33
C LEU B 291 17.13 32.33 -0.66
N LYS B 292 18.36 32.30 -0.17
CA LYS B 292 18.93 33.47 0.54
C LYS B 292 19.05 34.75 -0.33
N GLU B 293 19.13 34.62 -1.65
CA GLU B 293 19.10 35.77 -2.53
C GLU B 293 17.73 36.52 -2.59
N PHE B 294 16.64 35.92 -2.11
CA PHE B 294 15.35 36.63 -1.97
C PHE B 294 15.30 37.64 -0.83
N MET B 295 16.24 37.55 0.10
CA MET B 295 16.33 38.45 1.27
C MET B 295 16.44 39.91 0.84
N LEU B 296 15.74 40.79 1.53
CA LEU B 296 15.70 42.20 1.15
C LEU B 296 16.58 43.07 2.01
N SER B 297 17.27 42.45 2.97
CA SER B 297 18.11 43.13 3.94
C SER B 297 19.01 42.09 4.57
N GLN B 298 20.20 42.50 4.99
CA GLN B 298 21.15 41.62 5.68
C GLN B 298 21.06 41.69 7.21
N ASP B 299 20.22 42.59 7.72
CA ASP B 299 19.87 42.67 9.14
C ASP B 299 19.56 41.28 9.76
N VAL B 300 19.97 41.08 11.02
CA VAL B 300 19.92 39.75 11.65
C VAL B 300 18.48 39.17 11.82
N GLU B 301 17.48 40.03 12.00
CA GLU B 301 16.10 39.55 12.09
C GLU B 301 15.64 38.89 10.77
N HIS B 302 16.06 39.46 9.66
CA HIS B 302 15.81 38.87 8.35
C HIS B 302 16.53 37.52 8.19
N GLU B 303 17.79 37.45 8.62
CA GLU B 303 18.55 36.18 8.58
C GLU B 303 17.93 35.09 9.43
N ARG B 304 17.37 35.48 10.56
CA ARG B 304 16.69 34.56 11.44
C ARG B 304 15.44 33.94 10.81
N LEU B 305 14.63 34.78 10.16
CA LEU B 305 13.45 34.29 9.46
C LEU B 305 13.87 33.27 8.39
N PHE B 306 14.89 33.61 7.63
CA PHE B 306 15.31 32.78 6.49
C PHE B 306 15.99 31.48 6.91
N ASP B 307 16.59 31.43 8.09
CA ASP B 307 17.06 30.17 8.64
C ASP B 307 15.87 29.24 8.99
N LEU B 308 14.81 29.81 9.59
CA LEU B 308 13.60 29.05 9.91
C LEU B 308 12.92 28.50 8.66
N ILE B 309 12.79 29.36 7.65
CA ILE B 309 12.20 28.98 6.38
C ILE B 309 12.99 27.82 5.73
N GLN B 310 14.31 27.92 5.77
CA GLN B 310 15.18 26.89 5.19
C GLN B 310 15.04 25.56 5.85
N LYS B 311 14.82 25.56 7.16
CA LYS B 311 14.62 24.30 7.89
C LYS B 311 13.24 23.71 7.57
N MET B 312 12.23 24.57 7.40
CA MET B 312 10.89 24.13 6.97
C MET B 312 10.89 23.55 5.53
N LEU B 313 11.79 24.06 4.68
CA LEU B 313 11.92 23.59 3.30
C LEU B 313 12.99 22.54 3.09
N GLU B 314 13.29 21.78 4.15
CA GLU B 314 14.09 20.55 4.06
C GLU B 314 13.30 19.54 3.20
N TYR B 315 13.99 18.96 2.22
CA TYR B 315 13.41 17.99 1.29
C TYR B 315 12.95 16.71 1.97
N ASP B 316 13.82 16.13 2.81
CA ASP B 316 13.55 14.83 3.46
C ASP B 316 12.60 15.03 4.67
N PRO B 317 11.36 14.47 4.64
CA PRO B 317 10.46 14.74 5.76
C PRO B 317 10.96 14.21 7.10
N ALA B 318 11.79 13.19 7.08
CA ALA B 318 12.37 12.65 8.30
C ALA B 318 13.33 13.66 9.00
N LYS B 319 13.93 14.57 8.24
CA LYS B 319 14.89 15.56 8.77
C LYS B 319 14.32 16.94 8.99
N ARG B 320 13.14 17.20 8.42
CA ARG B 320 12.52 18.49 8.49
C ARG B 320 12.21 18.87 9.91
N ILE B 321 12.30 20.17 10.21
CA ILE B 321 11.96 20.67 11.53
C ILE B 321 10.50 20.35 11.87
N THR B 322 10.23 20.02 13.13
CA THR B 322 8.84 19.90 13.62
C THR B 322 8.38 21.27 14.11
N LEU B 323 7.08 21.42 14.37
CA LEU B 323 6.56 22.69 14.83
C LEU B 323 6.91 22.91 16.29
N ARG B 324 6.96 21.83 17.08
CA ARG B 324 7.48 21.86 18.46
C ARG B 324 8.86 22.57 18.54
N GLU B 325 9.79 22.15 17.68
CA GLU B 325 11.11 22.76 17.55
C GLU B 325 11.04 24.21 17.01
N ALA B 326 10.27 24.44 15.95
CA ALA B 326 10.15 25.78 15.36
C ALA B 326 9.62 26.84 16.32
N LEU B 327 8.75 26.46 17.25
CA LEU B 327 8.28 27.41 18.29
C LEU B 327 9.43 27.93 19.21
N LYS B 328 10.50 27.14 19.34
CA LYS B 328 11.70 27.53 20.08
C LYS B 328 12.78 28.28 19.25
N HIS B 329 12.51 28.55 17.96
CA HIS B 329 13.52 29.15 17.08
C HIS B 329 13.81 30.61 17.47
N PRO B 330 15.06 31.09 17.27
CA PRO B 330 15.47 32.48 17.66
C PRO B 330 14.65 33.62 17.06
N PHE B 331 14.07 33.40 15.89
CA PHE B 331 13.19 34.35 15.23
C PHE B 331 12.08 34.83 16.15
N PHE B 332 11.63 33.95 17.05
CA PHE B 332 10.52 34.24 17.96
C PHE B 332 10.94 34.77 19.33
N ASP B 333 12.25 34.81 19.62
CA ASP B 333 12.78 35.38 20.89
C ASP B 333 12.19 36.76 21.21
N LEU B 334 12.04 37.59 20.19
CA LEU B 334 11.58 38.96 20.39
C LEU B 334 10.13 39.08 20.90
N LEU B 335 9.34 38.00 20.81
CA LEU B 335 7.98 37.93 21.39
C LEU B 335 7.91 37.54 22.87
N LYS B 336 8.98 36.96 23.42
CA LYS B 336 9.02 36.57 24.83
C LYS B 336 9.93 37.54 25.55
N SER C 1 -25.21 -22.76 5.77
CA SER C 1 -26.25 -23.72 6.24
C SER C 1 -25.90 -24.46 7.57
N MET C 2 -24.62 -24.45 8.00
CA MET C 2 -24.19 -25.27 9.16
C MET C 2 -25.00 -25.14 10.47
N HIS C 3 -25.44 -23.93 10.78
CA HIS C 3 -26.29 -23.66 11.91
C HIS C 3 -27.56 -24.59 11.98
N LEU C 4 -28.02 -25.07 10.83
CA LEU C 4 -29.19 -25.94 10.75
C LEU C 4 -28.96 -27.39 11.17
N ILE C 5 -27.68 -27.82 11.28
CA ILE C 5 -27.31 -29.25 11.52
C ILE C 5 -26.36 -29.52 12.69
N CYS C 6 -26.02 -28.50 13.47
CA CYS C 6 -25.03 -28.63 14.56
C CYS C 6 -25.57 -28.23 15.94
N GLN C 7 -26.88 -28.32 16.09
CA GLN C 7 -27.64 -27.96 17.33
C GLN C 7 -27.70 -29.11 18.36
N SER C 8 -27.72 -28.75 19.64
CA SER C 8 -27.96 -29.73 20.73
C SER C 8 -29.16 -30.58 20.45
N GLY C 9 -28.95 -31.90 20.47
CA GLY C 9 -30.03 -32.84 20.23
C GLY C 9 -30.02 -33.46 18.84
N ASP C 10 -29.40 -32.81 17.86
CA ASP C 10 -29.32 -33.38 16.53
C ASP C 10 -28.53 -34.68 16.58
N VAL C 11 -28.88 -35.62 15.72
CA VAL C 11 -28.18 -36.89 15.60
C VAL C 11 -27.44 -36.93 14.26
N LEU C 12 -26.15 -37.29 14.28
CA LEU C 12 -25.36 -37.42 13.06
C LEU C 12 -25.09 -38.89 12.75
N SER C 13 -25.28 -39.27 11.48
CA SER C 13 -24.93 -40.59 10.97
C SER C 13 -25.64 -41.69 11.73
N ALA C 14 -26.84 -41.38 12.23
CA ALA C 14 -27.66 -42.34 12.99
C ALA C 14 -26.97 -42.93 14.22
N ARG C 15 -26.03 -42.18 14.82
CA ARG C 15 -25.42 -42.63 16.08
C ARG C 15 -24.88 -41.57 17.05
N TYR C 16 -24.42 -40.42 16.56
CA TYR C 16 -23.80 -39.40 17.44
C TYR C 16 -24.79 -38.29 17.79
N GLU C 17 -25.17 -38.19 19.06
CA GLU C 17 -26.06 -37.12 19.53
C GLU C 17 -25.30 -35.89 20.06
N ILE C 18 -25.47 -34.75 19.42
CA ILE C 18 -24.78 -33.53 19.81
C ILE C 18 -25.23 -33.07 21.20
N VAL C 19 -24.24 -32.82 22.06
CA VAL C 19 -24.43 -32.22 23.39
C VAL C 19 -24.31 -30.71 23.30
N ASP C 20 -23.20 -30.23 22.75
CA ASP C 20 -22.87 -28.82 22.81
C ASP C 20 -21.70 -28.52 21.88
N THR C 21 -21.49 -27.24 21.56
CA THR C 21 -20.31 -26.79 20.78
C THR C 21 -19.08 -26.55 21.67
N LEU C 22 -17.95 -27.14 21.30
CA LEU C 22 -16.73 -26.98 22.05
C LEU C 22 -15.96 -25.75 21.54
N GLY C 23 -16.00 -25.50 20.24
CA GLY C 23 -15.39 -24.31 19.71
C GLY C 23 -15.54 -24.20 18.21
N GLU C 24 -15.27 -23.00 17.69
CA GLU C 24 -15.41 -22.69 16.28
C GLU C 24 -14.10 -22.22 15.71
N GLY C 25 -14.03 -22.20 14.40
CA GLY C 25 -12.84 -21.73 13.70
C GLY C 25 -13.20 -21.37 12.28
N ALA C 26 -12.20 -21.01 11.50
CA ALA C 26 -12.38 -20.72 10.06
C ALA C 26 -12.84 -21.95 9.28
N PHE C 27 -12.37 -23.12 9.72
CA PHE C 27 -12.74 -24.44 9.14
C PHE C 27 -14.20 -24.91 9.41
N GLY C 28 -14.84 -24.40 10.46
CA GLY C 28 -16.07 -25.00 10.95
C GLY C 28 -16.15 -25.03 12.45
N LYS C 29 -16.53 -26.18 12.99
CA LYS C 29 -17.06 -26.29 14.34
C LYS C 29 -16.50 -27.61 14.87
N VAL C 30 -16.25 -27.68 16.18
CA VAL C 30 -16.07 -28.97 16.84
C VAL C 30 -17.15 -29.06 17.91
N VAL C 31 -17.84 -30.20 17.91
CA VAL C 31 -18.94 -30.48 18.85
C VAL C 31 -18.65 -31.74 19.64
N GLU C 32 -19.14 -31.76 20.88
CA GLU C 32 -19.09 -32.93 21.72
C GLU C 32 -20.36 -33.73 21.50
N CYS C 33 -20.20 -35.03 21.23
CA CYS C 33 -21.34 -35.90 21.05
C CYS C 33 -21.32 -37.11 21.95
N ILE C 34 -22.51 -37.65 22.19
CA ILE C 34 -22.69 -38.98 22.72
C ILE C 34 -22.75 -40.02 21.59
N ASP C 35 -21.88 -41.02 21.66
CA ASP C 35 -21.86 -42.11 20.70
C ASP C 35 -22.79 -43.23 21.21
N HIS C 36 -24.01 -43.28 20.65
CA HIS C 36 -25.01 -44.28 21.06
C HIS C 36 -24.68 -45.72 20.67
N LYS C 37 -23.73 -45.97 19.76
CA LYS C 37 -23.30 -47.35 19.45
C LYS C 37 -22.09 -47.82 20.25
N ALA C 38 -21.41 -46.93 20.99
CA ALA C 38 -20.26 -47.35 21.80
C ALA C 38 -20.56 -47.13 23.29
N GLY C 39 -21.82 -47.37 23.67
CA GLY C 39 -22.25 -47.42 25.06
C GLY C 39 -22.50 -46.08 25.72
N GLY C 40 -22.60 -45.01 24.93
CA GLY C 40 -22.71 -43.65 25.48
C GLY C 40 -21.40 -42.87 25.64
N ARG C 41 -20.26 -43.46 25.25
CA ARG C 41 -18.95 -42.74 25.21
C ARG C 41 -19.07 -41.39 24.58
N HIS C 42 -18.48 -40.39 25.20
CA HIS C 42 -18.42 -39.03 24.61
C HIS C 42 -17.23 -38.91 23.65
N VAL C 43 -17.46 -38.27 22.50
CA VAL C 43 -16.46 -38.07 21.47
C VAL C 43 -16.49 -36.62 21.00
N ALA C 44 -15.55 -36.28 20.13
CA ALA C 44 -15.52 -34.96 19.53
C ALA C 44 -15.69 -35.13 18.01
N VAL C 45 -16.55 -34.30 17.40
CA VAL C 45 -16.78 -34.37 15.98
C VAL C 45 -16.49 -33.02 15.35
N LYS C 46 -15.57 -33.01 14.40
CA LYS C 46 -15.29 -31.81 13.64
C LYS C 46 -16.23 -31.77 12.43
N ILE C 47 -17.09 -30.75 12.40
CA ILE C 47 -17.96 -30.50 11.25
C ILE C 47 -17.33 -29.41 10.38
N VAL C 48 -17.01 -29.75 9.14
CA VAL C 48 -16.21 -28.91 8.27
C VAL C 48 -17.11 -28.13 7.36
N LYS C 49 -16.81 -26.84 7.17
CA LYS C 49 -17.58 -25.98 6.23
C LYS C 49 -17.67 -26.57 4.84
N ASN C 50 -18.82 -26.36 4.21
CA ASN C 50 -18.98 -26.83 2.84
C ASN C 50 -18.41 -25.77 1.90
N VAL C 51 -17.07 -25.71 1.88
CA VAL C 51 -16.32 -24.72 1.13
C VAL C 51 -15.09 -25.46 0.58
N ASP C 52 -14.81 -25.28 -0.71
CA ASP C 52 -13.82 -26.07 -1.45
C ASP C 52 -12.44 -26.22 -0.78
N ARG C 53 -11.86 -25.12 -0.33
CA ARG C 53 -10.57 -25.22 0.34
C ARG C 53 -10.55 -26.04 1.65
N TYR C 54 -11.63 -26.01 2.44
CA TYR C 54 -11.70 -26.78 3.69
C TYR C 54 -12.12 -28.23 3.52
N CYS C 55 -12.89 -28.52 2.47
CA CYS C 55 -13.19 -29.90 2.08
C CYS C 55 -11.93 -30.63 1.62
N GLU C 56 -11.13 -29.98 0.79
CA GLU C 56 -9.86 -30.56 0.31
C GLU C 56 -8.86 -30.76 1.44
N ALA C 57 -8.76 -29.77 2.32
CA ALA C 57 -7.93 -29.86 3.53
C ALA C 57 -8.38 -31.00 4.46
N ALA C 58 -9.68 -31.20 4.58
CA ALA C 58 -10.21 -32.28 5.40
C ALA C 58 -9.91 -33.64 4.82
N ARG C 59 -10.05 -33.79 3.50
CA ARG C 59 -9.70 -35.06 2.84
C ARG C 59 -8.21 -35.39 3.00
N SER C 60 -7.37 -34.37 2.90
CA SER C 60 -5.91 -34.47 3.15
C SER C 60 -5.57 -34.91 4.61
N GLU C 61 -6.18 -34.24 5.60
CA GLU C 61 -6.08 -34.64 7.02
C GLU C 61 -6.43 -36.11 7.23
N ILE C 62 -7.51 -36.60 6.61
CA ILE C 62 -7.92 -38.01 6.74
C ILE C 62 -6.87 -38.97 6.20
N GLN C 63 -6.22 -38.65 5.09
CA GLN C 63 -5.09 -39.46 4.60
C GLN C 63 -3.96 -39.45 5.63
N VAL C 64 -3.56 -38.25 6.08
CA VAL C 64 -2.40 -38.10 6.97
C VAL C 64 -2.62 -38.83 8.29
N LEU C 65 -3.76 -38.66 8.94
CA LEU C 65 -4.05 -39.33 10.22
CA LEU C 65 -4.01 -39.33 10.23
C LEU C 65 -4.19 -40.85 10.10
N GLU C 66 -4.58 -41.34 8.94
CA GLU C 66 -4.71 -42.78 8.72
C GLU C 66 -3.33 -43.43 8.80
N HIS C 67 -2.38 -42.79 8.12
CA HIS C 67 -1.00 -43.20 8.12
C HIS C 67 -0.42 -43.07 9.53
N LEU C 68 -0.61 -41.92 10.19
CA LEU C 68 -0.01 -41.71 11.53
C LEU C 68 -0.60 -42.61 12.63
N ASN C 69 -1.91 -42.85 12.59
CA ASN C 69 -2.56 -43.65 13.64
C ASN C 69 -2.20 -45.13 13.47
N THR C 70 -2.07 -45.63 12.24
CA THR C 70 -1.62 -47.03 12.07
C THR C 70 -0.10 -47.20 12.39
N THR C 71 0.74 -46.24 12.02
CA THR C 71 2.17 -46.26 12.38
C THR C 71 2.41 -46.17 13.90
N ASP C 72 1.53 -45.47 14.65
CA ASP C 72 1.65 -45.29 16.11
C ASP C 72 0.26 -45.49 16.76
N PRO C 73 -0.20 -46.75 16.82
CA PRO C 73 -1.56 -47.06 17.32
C PRO C 73 -1.86 -46.68 18.79
N ASN C 74 -0.85 -46.54 19.62
CA ASN C 74 -1.06 -46.21 21.04
C ASN C 74 -0.92 -44.74 21.39
N SER C 75 -0.68 -43.91 20.37
CA SER C 75 -0.48 -42.48 20.55
C SER C 75 0.73 -42.21 21.45
N THR C 76 1.78 -43.02 21.30
CA THR C 76 3.03 -42.83 22.03
C THR C 76 3.59 -41.44 21.78
N PHE C 77 3.47 -40.96 20.53
CA PHE C 77 3.95 -39.64 20.12
C PHE C 77 2.87 -38.52 20.08
N ARG C 78 1.71 -38.77 20.69
CA ARG C 78 0.74 -37.74 21.03
C ARG C 78 0.11 -36.96 19.85
N CYS C 79 -0.06 -37.61 18.71
CA CYS C 79 -0.99 -37.15 17.67
C CYS C 79 -2.39 -37.64 18.04
N VAL C 80 -3.37 -36.76 17.93
CA VAL C 80 -4.79 -37.09 18.18
C VAL C 80 -5.27 -38.35 17.40
N GLN C 81 -6.07 -39.16 18.06
CA GLN C 81 -6.66 -40.36 17.45
C GLN C 81 -7.97 -40.04 16.68
N MET C 82 -7.94 -40.31 15.37
CA MET C 82 -9.15 -40.26 14.55
C MET C 82 -9.87 -41.60 14.62
N LEU C 83 -11.16 -41.55 14.95
CA LEU C 83 -11.98 -42.76 15.08
C LEU C 83 -12.76 -43.14 13.80
N GLU C 84 -13.29 -42.16 13.10
CA GLU C 84 -13.82 -42.39 11.75
C GLU C 84 -14.26 -41.09 11.06
N TRP C 85 -14.68 -41.20 9.81
CA TRP C 85 -15.28 -40.07 9.11
C TRP C 85 -16.59 -40.45 8.37
N PHE C 86 -17.42 -39.46 8.12
CA PHE C 86 -18.65 -39.63 7.38
C PHE C 86 -19.14 -38.31 6.78
N GLU C 87 -20.20 -38.36 6.00
CA GLU C 87 -20.82 -37.18 5.39
C GLU C 87 -22.24 -36.96 5.94
N HIS C 88 -22.59 -35.69 6.13
CA HIS C 88 -23.84 -35.33 6.77
C HIS C 88 -24.37 -34.04 6.14
N HIS C 89 -25.40 -34.17 5.30
CA HIS C 89 -26.00 -33.05 4.58
C HIS C 89 -24.94 -32.20 3.86
N GLY C 90 -24.03 -32.84 3.15
CA GLY C 90 -22.96 -32.12 2.42
C GLY C 90 -21.78 -31.58 3.23
N HIS C 91 -21.65 -31.98 4.48
CA HIS C 91 -20.52 -31.54 5.32
C HIS C 91 -19.70 -32.75 5.69
N ILE C 92 -18.39 -32.70 5.45
CA ILE C 92 -17.46 -33.73 5.95
C ILE C 92 -17.38 -33.60 7.48
N CYS C 93 -17.61 -34.72 8.16
CA CYS C 93 -17.49 -34.80 9.62
C CYS C 93 -16.39 -35.81 9.98
N ILE C 94 -15.52 -35.46 10.93
CA ILE C 94 -14.43 -36.34 11.39
C ILE C 94 -14.54 -36.53 12.90
N VAL C 95 -14.47 -37.77 13.35
CA VAL C 95 -14.70 -38.12 14.75
C VAL C 95 -13.36 -38.33 15.42
N PHE C 96 -13.17 -37.74 16.61
CA PHE C 96 -11.93 -37.86 17.37
C PHE C 96 -12.21 -38.34 18.78
N GLU C 97 -11.16 -38.80 19.44
CA GLU C 97 -11.18 -38.96 20.91
C GLU C 97 -11.46 -37.58 21.51
N LEU C 98 -12.21 -37.54 22.62
CA LEU C 98 -12.55 -36.26 23.27
C LEU C 98 -11.39 -35.79 24.16
N LEU C 99 -10.91 -34.58 23.91
CA LEU C 99 -9.85 -33.96 24.71
C LEU C 99 -10.43 -32.74 25.42
N GLY C 100 -9.56 -32.07 26.20
CA GLY C 100 -9.87 -30.83 26.93
C GLY C 100 -9.55 -29.64 26.05
N LEU C 101 -9.63 -28.46 26.67
CA LEU C 101 -9.45 -27.19 25.96
C LEU C 101 -8.12 -27.10 25.25
N SER C 102 -8.03 -26.26 24.24
CA SER C 102 -6.75 -25.88 23.66
C SER C 102 -5.95 -25.01 24.64
N THR C 103 -4.64 -24.97 24.44
CA THR C 103 -3.74 -24.19 25.30
C THR C 103 -4.00 -22.71 25.13
N TYR C 104 -4.42 -22.31 23.93
CA TYR C 104 -4.85 -20.93 23.69
C TYR C 104 -6.08 -20.59 24.54
N ASP C 105 -7.09 -21.46 24.48
CA ASP C 105 -8.33 -21.19 25.17
C ASP C 105 -8.14 -21.15 26.68
N PHE C 106 -7.24 -21.98 27.21
CA PHE C 106 -6.96 -21.96 28.64
C PHE C 106 -6.38 -20.63 29.07
N ILE C 107 -5.39 -20.16 28.31
CA ILE C 107 -4.80 -18.84 28.56
C ILE C 107 -5.85 -17.72 28.52
N LYS C 108 -6.68 -17.75 27.49
CA LYS C 108 -7.75 -16.76 27.35
C LYS C 108 -8.70 -16.74 28.53
N GLU C 109 -9.20 -17.91 28.93
CA GLU C 109 -10.14 -18.00 30.02
C GLU C 109 -9.53 -17.64 31.35
N ASN C 110 -8.19 -17.73 31.45
CA ASN C 110 -7.47 -17.37 32.65
C ASN C 110 -7.00 -15.91 32.64
N GLY C 111 -7.55 -15.08 31.76
CA GLY C 111 -7.25 -13.66 31.76
C GLY C 111 -5.89 -13.34 31.17
N PHE C 112 -5.45 -14.15 30.21
CA PHE C 112 -4.15 -13.99 29.55
C PHE C 112 -2.94 -14.00 30.53
N LEU C 113 -2.99 -14.92 31.49
CA LEU C 113 -1.87 -15.20 32.35
C LEU C 113 -1.06 -16.38 31.78
N PRO C 114 0.26 -16.42 32.08
CA PRO C 114 1.10 -17.48 31.53
C PRO C 114 1.01 -18.76 32.34
N PHE C 115 1.52 -19.86 31.79
CA PHE C 115 1.68 -21.10 32.52
C PHE C 115 2.94 -21.03 33.40
N ARG C 116 2.98 -21.79 34.49
CA ARG C 116 4.19 -21.82 35.24
C ARG C 116 5.23 -22.76 34.65
N LEU C 117 6.49 -22.48 34.98
CA LEU C 117 7.62 -23.02 34.25
C LEU C 117 7.76 -24.53 34.21
N ASP C 118 7.45 -25.20 35.31
CA ASP C 118 7.50 -26.67 35.35
C ASP C 118 6.49 -27.31 34.41
N HIS C 119 5.33 -26.68 34.23
CA HIS C 119 4.36 -27.11 33.20
C HIS C 119 4.82 -26.80 31.78
N ILE C 120 5.31 -25.58 31.57
CA ILE C 120 5.97 -25.24 30.30
C ILE C 120 7.03 -26.31 29.93
N ARG C 121 7.84 -26.76 30.90
CA ARG C 121 8.89 -27.74 30.58
C ARG C 121 8.31 -29.07 30.03
N LYS C 122 7.28 -29.58 30.70
CA LYS C 122 6.58 -30.80 30.22
C LYS C 122 5.87 -30.61 28.87
N MET C 123 5.16 -29.51 28.72
CA MET C 123 4.42 -29.26 27.49
C MET C 123 5.38 -29.13 26.31
N ALA C 124 6.47 -28.39 26.53
CA ALA C 124 7.52 -28.21 25.50
C ALA C 124 8.18 -29.51 25.10
N TYR C 125 8.47 -30.35 26.08
CA TYR C 125 9.07 -31.64 25.79
C TYR C 125 8.15 -32.49 24.90
N GLN C 126 6.88 -32.61 25.30
CA GLN C 126 5.84 -33.38 24.56
C GLN C 126 5.59 -32.86 23.17
N ILE C 127 5.56 -31.53 23.02
CA ILE C 127 5.34 -30.92 21.69
C ILE C 127 6.53 -31.24 20.79
N CYS C 128 7.75 -31.08 21.31
CA CYS C 128 8.96 -31.37 20.53
C CYS C 128 9.06 -32.85 20.14
N LYS C 129 8.63 -33.73 21.04
CA LYS C 129 8.63 -35.17 20.78
C LYS C 129 7.62 -35.56 19.67
N SER C 130 6.43 -34.97 19.76
CA SER C 130 5.35 -35.29 18.84
C SER C 130 5.63 -34.81 17.42
N VAL C 131 6.10 -33.56 17.29
CA VAL C 131 6.40 -33.00 15.98
C VAL C 131 7.68 -33.60 15.36
N ASN C 132 8.64 -33.95 16.21
CA ASN C 132 9.83 -34.69 15.72
C ASN C 132 9.46 -36.06 15.12
N PHE C 133 8.43 -36.69 15.67
CA PHE C 133 7.88 -37.92 15.10
C PHE C 133 7.34 -37.64 13.70
N LEU C 134 6.65 -36.52 13.54
CA LEU C 134 6.25 -36.07 12.20
C LEU C 134 7.46 -35.88 11.27
N HIS C 135 8.46 -35.15 11.74
CA HIS C 135 9.67 -34.90 10.95
C HIS C 135 10.42 -36.19 10.59
N SER C 136 10.34 -37.21 11.44
CA SER C 136 10.88 -38.53 11.10
C SER C 136 10.15 -39.26 9.96
N ASN C 137 8.88 -38.95 9.73
CA ASN C 137 8.09 -39.60 8.67
C ASN C 137 7.88 -38.69 7.46
N LYS C 138 8.81 -37.77 7.23
CA LYS C 138 8.90 -36.95 6.01
C LYS C 138 7.74 -35.96 5.88
N LEU C 139 7.27 -35.46 7.02
CA LEU C 139 6.16 -34.52 7.13
C LEU C 139 6.55 -33.22 7.82
N THR C 140 5.91 -32.12 7.44
CA THR C 140 5.94 -30.85 8.15
C THR C 140 4.48 -30.47 8.41
N HIS C 141 4.17 -30.05 9.64
CA HIS C 141 2.80 -29.68 10.05
C HIS C 141 2.40 -28.37 9.38
N THR C 142 3.28 -27.36 9.49
CA THR C 142 3.11 -26.00 8.89
C THR C 142 2.14 -25.03 9.57
N ASP C 143 1.30 -25.52 10.47
CA ASP C 143 0.28 -24.70 11.13
C ASP C 143 0.27 -24.94 12.62
N LEU C 144 1.46 -24.96 13.22
CA LEU C 144 1.56 -25.10 14.67
C LEU C 144 1.28 -23.76 15.36
N LYS C 145 0.44 -23.81 16.38
CA LYS C 145 0.05 -22.64 17.18
C LYS C 145 -0.76 -23.11 18.40
N PRO C 146 -1.00 -22.23 19.40
CA PRO C 146 -1.55 -22.73 20.66
C PRO C 146 -2.96 -23.29 20.54
N GLU C 147 -3.75 -22.79 19.58
CA GLU C 147 -5.06 -23.37 19.28
C GLU C 147 -4.99 -24.83 18.86
N ASN C 148 -3.87 -25.25 18.27
CA ASN C 148 -3.70 -26.63 17.80
C ASN C 148 -2.92 -27.53 18.74
N ILE C 149 -2.63 -27.08 19.96
CA ILE C 149 -2.14 -27.96 21.04
C ILE C 149 -3.22 -28.05 22.11
N LEU C 150 -3.63 -29.26 22.43
CA LEU C 150 -4.77 -29.47 23.32
C LEU C 150 -4.41 -30.27 24.54
N PHE C 151 -4.92 -29.84 25.70
CA PHE C 151 -4.79 -30.61 26.91
C PHE C 151 -5.62 -31.87 26.84
N VAL C 152 -5.04 -32.99 27.26
CA VAL C 152 -5.79 -34.24 27.43
C VAL C 152 -6.93 -34.01 28.45
N GLN C 153 -6.64 -33.30 29.52
CA GLN C 153 -7.62 -32.84 30.52
C GLN C 153 -7.26 -31.44 30.96
N SER C 154 -8.22 -30.54 30.90
CA SER C 154 -8.03 -29.11 31.16
C SER C 154 -8.54 -28.69 32.54
N ASP C 155 -8.80 -29.66 33.41
CA ASP C 155 -9.31 -29.31 34.72
C ASP C 155 -8.25 -28.56 35.54
N TYR C 156 -8.73 -27.66 36.40
CA TYR C 156 -7.88 -26.82 37.26
C TYR C 156 -8.39 -26.70 38.71
N THR C 157 -7.50 -26.36 39.64
CA THR C 157 -7.91 -25.91 40.98
C THR C 157 -7.86 -24.39 40.99
N GLU C 158 -8.63 -23.79 41.89
CA GLU C 158 -8.81 -22.33 41.96
C GLU C 158 -8.73 -21.84 43.42
N ALA C 159 -7.94 -20.80 43.67
CA ALA C 159 -7.80 -20.20 45.01
C ALA C 159 -7.54 -18.68 44.93
N TYR C 160 -7.86 -17.95 46.00
CA TYR C 160 -7.47 -16.53 46.13
C TYR C 160 -5.96 -16.42 46.41
N ASN C 161 -5.27 -15.60 45.63
CA ASN C 161 -3.82 -15.38 45.77
C ASN C 161 -3.57 -13.98 46.38
N PRO C 162 -3.30 -13.90 47.71
CA PRO C 162 -3.16 -12.58 48.33
C PRO C 162 -1.92 -11.77 47.89
N LYS C 163 -0.89 -12.43 47.35
CA LYS C 163 0.28 -11.73 46.77
C LYS C 163 -0.08 -10.73 45.64
N ILE C 164 -1.04 -11.10 44.80
CA ILE C 164 -1.50 -10.23 43.68
C ILE C 164 -3.01 -9.86 43.82
N LYS C 165 -3.55 -9.95 45.03
CA LYS C 165 -4.92 -9.50 45.37
C LYS C 165 -6.03 -9.90 44.39
N ARG C 166 -6.09 -11.21 43.98
CA ARG C 166 -7.16 -11.87 43.05
C ARG C 166 -7.45 -13.48 43.09
N ASP C 167 -8.41 -14.10 42.33
CA ASP C 167 -8.40 -15.52 42.18
C ASP C 167 -7.46 -16.01 41.07
N GLU C 168 -6.95 -17.23 41.20
CA GLU C 168 -5.97 -17.78 40.25
C GLU C 168 -6.17 -19.28 39.99
N ARG C 169 -6.17 -19.65 38.73
CA ARG C 169 -6.30 -21.04 38.28
C ARG C 169 -4.94 -21.72 38.20
N THR C 170 -4.89 -22.99 38.59
CA THR C 170 -3.73 -23.84 38.37
C THR C 170 -4.16 -25.15 37.70
N LEU C 171 -3.67 -25.40 36.48
CA LEU C 171 -3.74 -26.73 35.84
C LEU C 171 -3.39 -27.90 36.74
N ILE C 172 -4.13 -29.00 36.65
CA ILE C 172 -3.83 -30.21 37.40
C ILE C 172 -2.93 -31.15 36.61
N ASN C 173 -3.10 -31.25 35.31
CA ASN C 173 -2.34 -32.21 34.51
C ASN C 173 -2.01 -31.56 33.19
N PRO C 174 -0.70 -31.41 32.89
CA PRO C 174 -0.34 -30.65 31.69
C PRO C 174 -0.12 -31.45 30.42
N ASP C 175 -0.43 -32.74 30.42
CA ASP C 175 -0.25 -33.55 29.22
C ASP C 175 -1.02 -32.98 28.03
N ILE C 176 -0.41 -33.04 26.83
CA ILE C 176 -1.02 -32.50 25.62
C ILE C 176 -1.10 -33.48 24.43
N LYS C 177 -1.83 -33.05 23.39
CA LYS C 177 -1.79 -33.67 22.05
C LYS C 177 -1.79 -32.60 20.97
N VAL C 178 -1.22 -32.95 19.83
CA VAL C 178 -1.23 -32.10 18.65
C VAL C 178 -2.41 -32.46 17.72
N VAL C 179 -3.12 -31.43 17.21
CA VAL C 179 -4.22 -31.61 16.24
C VAL C 179 -4.00 -30.81 14.94
N ASP C 180 -4.93 -30.98 14.01
CA ASP C 180 -4.99 -30.26 12.73
C ASP C 180 -3.90 -30.61 11.74
N PHE C 181 -4.20 -31.61 10.89
CA PHE C 181 -3.26 -32.14 9.90
C PHE C 181 -3.68 -31.87 8.46
N GLY C 182 -4.53 -30.86 8.29
CA GLY C 182 -5.01 -30.47 6.97
C GLY C 182 -4.01 -29.70 6.10
N SER C 183 -3.03 -29.04 6.72
CA SER C 183 -1.95 -28.36 5.98
C SER C 183 -0.66 -29.19 5.92
N ALA C 184 -0.64 -30.32 6.62
CA ALA C 184 0.54 -31.13 6.67
C ALA C 184 0.94 -31.60 5.28
N THR C 185 2.23 -31.50 5.00
CA THR C 185 2.80 -31.70 3.68
C THR C 185 3.98 -32.70 3.72
N TYR C 186 4.01 -33.68 2.81
CA TYR C 186 5.15 -34.61 2.70
C TYR C 186 6.31 -33.92 1.99
N ASP C 187 7.54 -34.37 2.28
CA ASP C 187 8.76 -33.86 1.59
C ASP C 187 8.65 -33.87 0.08
N ASP C 188 8.06 -34.93 -0.46
CA ASP C 188 7.96 -35.12 -1.91
C ASP C 188 6.70 -34.50 -2.60
N GLU C 189 5.77 -33.90 -1.83
CA GLU C 189 4.59 -33.18 -2.38
C GLU C 189 4.95 -31.76 -2.78
N HIS C 190 4.03 -31.10 -3.47
CA HIS C 190 4.10 -29.68 -3.75
C HIS C 190 3.92 -28.80 -2.48
N HIS C 191 4.91 -27.92 -2.26
CA HIS C 191 4.91 -26.90 -1.20
C HIS C 191 4.34 -25.52 -1.65
N SER C 192 3.17 -25.11 -1.15
CA SER C 192 2.61 -23.79 -1.50
C SER C 192 3.53 -22.70 -0.99
N THR C 193 3.33 -21.50 -1.50
CA THR C 193 4.19 -20.37 -1.13
C THR C 193 3.85 -19.82 0.25
N LEU C 194 2.57 -19.57 0.51
CA LEU C 194 2.06 -19.20 1.85
C LEU C 194 1.63 -20.42 2.68
N VAL C 195 2.27 -20.59 3.84
CA VAL C 195 1.76 -21.48 4.93
C VAL C 195 1.84 -20.77 6.30
N SER C 196 1.14 -21.34 7.28
CA SER C 196 1.15 -20.93 8.72
C SER C 196 0.24 -19.72 8.98
N THR C 197 -0.39 -19.65 10.16
CA THR C 197 -0.99 -18.41 10.68
C THR C 197 0.09 -17.35 10.89
N ARG C 198 -0.20 -16.10 10.51
CA ARG C 198 0.86 -15.08 10.37
C ARG C 198 1.73 -14.88 11.61
N HIS C 199 1.18 -14.99 12.80
CA HIS C 199 1.96 -14.73 14.01
C HIS C 199 3.03 -15.83 14.25
N TYR C 200 2.82 -17.04 13.70
CA TYR C 200 3.78 -18.17 13.90
C TYR C 200 4.60 -18.52 12.66
N ARG C 201 4.67 -17.58 11.73
CA ARG C 201 5.17 -17.84 10.43
C ARG C 201 6.66 -17.51 10.36
N ALA C 202 7.44 -18.47 9.89
CA ALA C 202 8.89 -18.33 9.86
C ALA C 202 9.37 -17.29 8.82
N PRO C 203 10.57 -16.70 9.04
CA PRO C 203 11.08 -15.68 8.10
C PRO C 203 11.31 -16.18 6.67
N GLU C 204 11.75 -17.42 6.50
CA GLU C 204 11.84 -18.03 5.15
C GLU C 204 10.49 -18.16 4.42
N VAL C 205 9.40 -18.31 5.16
CA VAL C 205 8.08 -18.37 4.55
C VAL C 205 7.64 -16.96 4.11
N ILE C 206 7.83 -15.97 4.99
CA ILE C 206 7.48 -14.56 4.69
C ILE C 206 8.23 -14.07 3.44
N LEU C 207 9.52 -14.36 3.37
CA LEU C 207 10.36 -13.93 2.24
C LEU C 207 10.34 -14.89 1.02
N ALA C 208 9.47 -15.91 1.04
CA ALA C 208 9.26 -16.86 -0.09
C ALA C 208 10.55 -17.47 -0.56
N LEU C 209 11.35 -17.99 0.36
CA LEU C 209 12.60 -18.68 0.04
C LEU C 209 12.50 -20.20 0.04
N GLY C 210 11.29 -20.75 0.17
CA GLY C 210 11.14 -22.19 0.31
C GLY C 210 11.32 -22.62 1.75
N TRP C 211 10.70 -23.73 2.10
CA TRP C 211 10.59 -24.14 3.48
C TRP C 211 10.46 -25.64 3.58
N SER C 212 10.80 -26.13 4.76
CA SER C 212 10.58 -27.55 5.08
C SER C 212 10.51 -27.67 6.62
N GLN C 213 11.00 -28.76 7.19
CA GLN C 213 10.87 -29.03 8.63
C GLN C 213 11.24 -27.86 9.55
N PRO C 214 12.34 -27.15 9.26
CA PRO C 214 12.68 -26.03 10.14
C PRO C 214 11.58 -24.98 10.41
N CYS C 215 10.67 -24.73 9.46
CA CYS C 215 9.58 -23.79 9.72
C CYS C 215 8.72 -24.21 10.93
N ASP C 216 8.59 -25.50 11.20
CA ASP C 216 7.88 -25.96 12.41
C ASP C 216 8.61 -25.58 13.69
N VAL C 217 9.94 -25.68 13.68
CA VAL C 217 10.76 -25.33 14.82
C VAL C 217 10.59 -23.87 15.18
N TRP C 218 10.59 -22.99 14.18
CA TRP C 218 10.34 -21.57 14.43
C TRP C 218 8.98 -21.36 15.14
N SER C 219 7.94 -22.03 14.63
CA SER C 219 6.60 -21.89 15.22
C SER C 219 6.60 -22.29 16.69
N ILE C 220 7.28 -23.38 17.00
CA ILE C 220 7.34 -23.86 18.38
C ILE C 220 8.04 -22.81 19.27
N GLY C 221 9.14 -22.22 18.78
CA GLY C 221 9.77 -21.10 19.47
C GLY C 221 8.79 -20.01 19.86
N CYS C 222 7.92 -19.62 18.92
CA CYS C 222 6.87 -18.63 19.17
C CYS C 222 5.85 -19.11 20.19
N ILE C 223 5.50 -20.38 20.13
CA ILE C 223 4.56 -20.93 21.13
C ILE C 223 5.13 -20.86 22.55
N LEU C 224 6.37 -21.30 22.73
CA LEU C 224 7.02 -21.29 24.07
C LEU C 224 7.15 -19.90 24.73
N ILE C 225 7.43 -18.86 23.96
CA ILE C 225 7.42 -17.50 24.57
C ILE C 225 6.02 -17.08 24.99
N GLU C 226 5.04 -17.49 24.19
CA GLU C 226 3.66 -17.16 24.44
C GLU C 226 3.17 -17.83 25.74
N TYR C 227 3.52 -19.09 25.93
CA TYR C 227 3.27 -19.80 27.21
C TYR C 227 3.95 -19.15 28.42
N TYR C 228 5.14 -18.59 28.21
CA TYR C 228 5.91 -17.95 29.28
C TYR C 228 5.42 -16.54 29.66
N LEU C 229 5.00 -15.78 28.65
CA LEU C 229 4.51 -14.41 28.84
C LEU C 229 2.97 -14.30 28.93
N GLY C 230 2.24 -15.25 28.34
CA GLY C 230 0.78 -15.18 28.28
C GLY C 230 0.20 -14.37 27.13
N PHE C 231 1.07 -13.85 26.26
CA PHE C 231 0.65 -13.09 25.10
C PHE C 231 1.62 -13.34 23.94
N THR C 232 1.19 -13.00 22.73
CA THR C 232 2.00 -13.12 21.51
C THR C 232 3.03 -12.04 21.37
N VAL C 233 4.26 -12.36 20.98
CA VAL C 233 5.31 -11.30 20.79
C VAL C 233 5.29 -10.62 19.43
N PHE C 234 4.59 -11.24 18.47
CA PHE C 234 4.34 -10.63 17.16
C PHE C 234 2.83 -10.33 16.87
N PRO C 235 2.24 -9.32 17.57
CA PRO C 235 0.83 -8.99 17.39
C PRO C 235 0.63 -8.04 16.21
N THR C 236 0.52 -8.62 15.03
CA THR C 236 0.45 -7.82 13.81
C THR C 236 -0.12 -8.65 12.70
N HIS C 237 -0.83 -7.98 11.78
CA HIS C 237 -1.33 -8.64 10.56
C HIS C 237 -0.73 -8.02 9.27
N ASP C 238 0.40 -7.32 9.40
CA ASP C 238 1.13 -6.77 8.27
C ASP C 238 2.53 -7.36 8.23
N SER C 239 2.94 -7.90 7.09
CA SER C 239 4.22 -8.59 6.94
C SER C 239 5.45 -7.74 7.27
N LYS C 240 5.49 -6.53 6.74
CA LYS C 240 6.62 -5.65 6.94
C LYS C 240 6.79 -5.30 8.41
N GLU C 241 5.69 -4.98 9.08
CA GLU C 241 5.69 -4.72 10.51
C GLU C 241 6.22 -5.95 11.29
N HIS C 242 5.79 -7.15 10.89
CA HIS C 242 6.26 -8.40 11.47
C HIS C 242 7.80 -8.50 11.36
N LEU C 243 8.35 -8.18 10.20
CA LEU C 243 9.79 -8.19 10.00
C LEU C 243 10.51 -7.14 10.87
N ALA C 244 9.86 -6.00 11.06
CA ALA C 244 10.38 -4.95 11.94
C ALA C 244 10.43 -5.40 13.38
N MET C 245 9.37 -6.08 13.80
CA MET C 245 9.31 -6.66 15.15
C MET C 245 10.43 -7.68 15.36
N MET C 246 10.65 -8.54 14.37
CA MET C 246 11.70 -9.53 14.44
C MET C 246 13.06 -8.84 14.66
N GLU C 247 13.31 -7.76 13.94
CA GLU C 247 14.61 -7.07 14.03
C GLU C 247 14.86 -6.49 15.41
N ARG C 248 13.80 -6.01 16.06
CA ARG C 248 13.89 -5.44 17.40
C ARG C 248 14.11 -6.51 18.45
N ILE C 249 13.47 -7.67 18.30
CA ILE C 249 13.60 -8.74 19.29
C ILE C 249 14.87 -9.60 19.08
N LEU C 250 15.23 -9.84 17.82
CA LEU C 250 16.27 -10.80 17.48
C LEU C 250 17.49 -10.22 16.74
N GLY C 251 17.48 -8.93 16.41
CA GLY C 251 18.53 -8.31 15.59
C GLY C 251 18.25 -8.35 14.09
N PRO C 252 19.12 -7.69 13.28
CA PRO C 252 18.90 -7.59 11.83
C PRO C 252 18.96 -8.94 11.09
N LEU C 253 18.26 -9.03 9.97
CA LEU C 253 18.14 -10.27 9.20
C LEU C 253 19.43 -10.54 8.49
N PRO C 254 19.73 -11.81 8.21
CA PRO C 254 20.98 -12.12 7.48
C PRO C 254 20.99 -11.55 6.06
N LYS C 255 22.12 -10.95 5.65
CA LYS C 255 22.23 -10.33 4.33
C LYS C 255 21.94 -11.29 3.18
N HIS C 256 22.39 -12.53 3.30
CA HIS C 256 22.21 -13.47 2.20
C HIS C 256 20.72 -13.81 1.99
N MET C 257 19.93 -13.77 3.05
CA MET C 257 18.47 -14.00 2.91
C MET C 257 17.78 -12.81 2.22
N ILE C 258 18.24 -11.60 2.51
CA ILE C 258 17.71 -10.39 1.89
C ILE C 258 18.04 -10.32 0.38
N GLN C 259 19.25 -10.72 0.02
CA GLN C 259 19.65 -10.77 -1.37
C GLN C 259 18.84 -11.80 -2.20
N LYS C 260 18.52 -12.96 -1.61
CA LYS C 260 17.81 -14.05 -2.35
C LYS C 260 16.31 -13.81 -2.55
N THR C 261 15.65 -13.08 -1.65
CA THR C 261 14.17 -12.99 -1.69
C THR C 261 13.68 -12.35 -2.98
N ARG C 262 12.57 -12.88 -3.52
CA ARG C 262 11.85 -12.25 -4.64
C ARG C 262 10.98 -11.08 -4.17
N LYS C 263 10.65 -11.03 -2.89
CA LYS C 263 9.83 -9.93 -2.33
C LYS C 263 10.63 -8.62 -2.11
N ARG C 264 11.00 -7.95 -3.19
CA ARG C 264 11.84 -6.75 -3.12
C ARG C 264 11.15 -5.57 -2.42
N LYS C 265 9.82 -5.53 -2.41
CA LYS C 265 9.06 -4.43 -1.77
C LYS C 265 9.49 -4.08 -0.32
N TYR C 266 9.88 -5.07 0.47
CA TYR C 266 10.21 -4.86 1.88
C TYR C 266 11.55 -4.13 2.15
N PHE C 267 12.41 -3.98 1.13
CA PHE C 267 13.81 -3.58 1.37
C PHE C 267 14.28 -2.41 0.48
N HIS C 268 15.17 -1.57 1.01
CA HIS C 268 15.83 -0.50 0.25
C HIS C 268 17.33 -0.65 0.46
N HIS C 269 18.05 -0.74 -0.66
CA HIS C 269 19.38 -1.35 -0.68
C HIS C 269 19.24 -2.72 0.01
N ASP C 270 19.99 -2.99 1.09
CA ASP C 270 19.91 -4.29 1.76
C ASP C 270 19.42 -4.17 3.22
N ARG C 271 18.64 -3.11 3.47
CA ARG C 271 18.08 -2.79 4.79
C ARG C 271 16.58 -2.91 4.66
N LEU C 272 15.91 -3.20 5.77
CA LEU C 272 14.44 -3.19 5.81
C LEU C 272 13.95 -1.75 5.66
N ASP C 273 13.06 -1.52 4.68
CA ASP C 273 12.48 -0.17 4.41
C ASP C 273 11.39 0.18 5.46
N TRP C 274 11.86 0.58 6.63
CA TRP C 274 11.01 0.77 7.81
C TRP C 274 11.37 2.11 8.44
N ASP C 275 10.38 2.97 8.58
CA ASP C 275 10.57 4.27 9.21
C ASP C 275 10.37 4.11 10.72
N GLU C 276 11.46 4.12 11.48
CA GLU C 276 11.39 4.02 12.95
C GLU C 276 10.58 5.13 13.62
N HIS C 277 10.54 6.32 13.00
CA HIS C 277 9.89 7.51 13.57
C HIS C 277 8.46 7.76 13.05
N SER C 278 7.87 6.79 12.34
CA SER C 278 6.46 6.85 11.95
C SER C 278 5.55 6.48 13.13
N SER C 279 4.24 6.58 12.90
CA SER C 279 3.22 6.15 13.87
C SER C 279 3.43 4.66 14.25
N ALA C 280 3.41 3.77 13.24
CA ALA C 280 3.61 2.32 13.44
C ALA C 280 5.01 1.97 13.97
N GLY C 281 6.01 2.74 13.54
CA GLY C 281 7.39 2.54 13.97
C GLY C 281 7.63 2.76 15.44
N ARG C 282 6.99 3.78 16.01
CA ARG C 282 7.09 4.08 17.46
C ARG C 282 6.37 3.02 18.28
N TYR C 283 5.25 2.48 17.76
CA TYR C 283 4.59 1.37 18.44
C TYR C 283 5.49 0.12 18.54
N VAL C 284 6.24 -0.18 17.48
CA VAL C 284 7.17 -1.32 17.49
C VAL C 284 8.28 -1.16 18.55
N SER C 285 8.88 0.03 18.64
CA SER C 285 9.93 0.34 19.64
C SER C 285 9.53 0.17 21.10
N ARG C 286 8.25 0.36 21.38
CA ARG C 286 7.75 0.34 22.76
C ARG C 286 7.18 -1.04 23.12
N ALA C 287 6.53 -1.71 22.16
CA ALA C 287 6.01 -3.05 22.39
C ALA C 287 7.10 -4.10 22.43
N CYS C 288 8.09 -3.97 21.57
CA CYS C 288 9.10 -4.99 21.39
C CYS C 288 10.41 -4.51 21.93
N LYS C 289 11.19 -5.46 22.41
CA LYS C 289 12.54 -5.21 22.91
C LYS C 289 13.34 -6.52 22.77
N PRO C 290 14.68 -6.46 22.95
CA PRO C 290 15.48 -7.68 22.79
C PRO C 290 14.96 -8.85 23.62
N LEU C 291 14.97 -10.03 23.00
CA LEU C 291 14.42 -11.25 23.57
C LEU C 291 14.71 -11.47 25.05
N LYS C 292 15.99 -11.42 25.45
CA LYS C 292 16.38 -11.69 26.85
C LYS C 292 15.75 -10.71 27.88
N GLU C 293 15.39 -9.50 27.45
CA GLU C 293 14.70 -8.56 28.33
C GLU C 293 13.25 -8.96 28.67
N PHE C 294 12.66 -9.93 27.95
CA PHE C 294 11.33 -10.50 28.32
C PHE C 294 11.36 -11.42 29.53
N MET C 295 12.54 -11.88 29.91
CA MET C 295 12.75 -12.76 31.07
C MET C 295 12.25 -12.12 32.37
N LEU C 296 11.58 -12.90 33.20
CA LEU C 296 10.95 -12.40 34.40
C LEU C 296 11.75 -12.73 35.65
N SER C 297 12.88 -13.39 35.46
CA SER C 297 13.75 -13.84 36.55
C SER C 297 15.10 -14.18 35.94
N GLN C 298 16.18 -14.01 36.71
CA GLN C 298 17.54 -14.36 36.28
C GLN C 298 17.96 -15.77 36.69
N ASP C 299 17.11 -16.44 37.46
CA ASP C 299 17.27 -17.84 37.79
C ASP C 299 17.67 -18.70 36.57
N VAL C 300 18.53 -19.69 36.80
CA VAL C 300 19.13 -20.47 35.69
C VAL C 300 18.11 -21.28 34.83
N GLU C 301 17.00 -21.73 35.44
CA GLU C 301 15.96 -22.46 34.69
C GLU C 301 15.32 -21.56 33.64
N HIS C 302 15.09 -20.31 34.01
CA HIS C 302 14.61 -19.32 33.08
C HIS C 302 15.65 -19.07 31.95
N GLU C 303 16.93 -18.93 32.29
CA GLU C 303 17.97 -18.75 31.26
C GLU C 303 18.05 -19.91 30.29
N ARG C 304 17.84 -21.11 30.81
CA ARG C 304 17.87 -22.31 29.99
C ARG C 304 16.76 -22.35 28.97
N LEU C 305 15.52 -22.00 29.40
CA LEU C 305 14.41 -21.91 28.47
C LEU C 305 14.72 -20.89 27.37
N PHE C 306 15.23 -19.72 27.76
CA PHE C 306 15.47 -18.66 26.80
C PHE C 306 16.64 -18.93 25.83
N ASP C 307 17.60 -19.77 26.22
CA ASP C 307 18.61 -20.23 25.27
C ASP C 307 18.00 -21.16 24.21
N LEU C 308 17.12 -22.07 24.65
CA LEU C 308 16.39 -22.95 23.74
C LEU C 308 15.48 -22.18 22.74
N ILE C 309 14.74 -21.21 23.27
CA ILE C 309 13.92 -20.35 22.44
C ILE C 309 14.76 -19.61 21.39
N GLN C 310 15.90 -19.07 21.80
CA GLN C 310 16.78 -18.31 20.90
C GLN C 310 17.29 -19.16 19.77
N LYS C 311 17.54 -20.44 20.04
CA LYS C 311 18.05 -21.33 19.00
C LYS C 311 16.94 -21.71 18.04
N MET C 312 15.73 -21.85 18.56
CA MET C 312 14.53 -22.05 17.71
C MET C 312 14.26 -20.84 16.82
N LEU C 313 14.57 -19.63 17.30
CA LEU C 313 14.36 -18.40 16.57
C LEU C 313 15.60 -17.91 15.82
N GLU C 314 16.47 -18.84 15.44
CA GLU C 314 17.49 -18.61 14.43
C GLU C 314 16.81 -18.28 13.07
N TYR C 315 17.25 -17.18 12.45
CA TYR C 315 16.73 -16.71 11.15
C TYR C 315 16.94 -17.71 10.00
N ASP C 316 18.17 -18.20 9.86
CA ASP C 316 18.56 -19.07 8.73
C ASP C 316 18.09 -20.50 9.02
N PRO C 317 17.18 -21.04 8.20
CA PRO C 317 16.72 -22.39 8.50
C PRO C 317 17.80 -23.47 8.45
N ALA C 318 18.84 -23.25 7.66
CA ALA C 318 19.92 -24.20 7.57
C ALA C 318 20.71 -24.31 8.91
N LYS C 319 20.69 -23.26 9.72
CA LYS C 319 21.42 -23.22 11.00
C LYS C 319 20.55 -23.46 12.23
N ARG C 320 19.23 -23.41 12.08
CA ARG C 320 18.30 -23.53 13.20
C ARG C 320 18.41 -24.89 13.84
N ILE C 321 18.18 -24.95 15.15
CA ILE C 321 18.19 -26.22 15.87
C ILE C 321 17.11 -27.16 15.32
N THR C 322 17.42 -28.46 15.26
CA THR C 322 16.42 -29.48 14.93
C THR C 322 15.77 -29.95 16.23
N LEU C 323 14.66 -30.66 16.11
CA LEU C 323 13.96 -31.12 17.29
C LEU C 323 14.68 -32.28 17.95
N ARG C 324 15.34 -33.09 17.13
CA ARG C 324 16.29 -34.14 17.63
C ARG C 324 17.32 -33.57 18.66
N GLU C 325 17.96 -32.47 18.28
CA GLU C 325 18.89 -31.71 19.14
C GLU C 325 18.16 -31.08 20.36
N ALA C 326 17.05 -30.40 20.11
CA ALA C 326 16.31 -29.73 21.20
C ALA C 326 15.85 -30.67 22.30
N LEU C 327 15.50 -31.92 21.97
CA LEU C 327 15.15 -32.90 23.01
C LEU C 327 16.32 -33.20 24.02
N LYS C 328 17.56 -32.98 23.58
CA LYS C 328 18.75 -33.10 24.40
C LYS C 328 19.17 -31.81 25.15
N HIS C 329 18.42 -30.72 25.01
CA HIS C 329 18.81 -29.44 25.60
C HIS C 329 18.73 -29.48 27.12
N PRO C 330 19.60 -28.73 27.84
CA PRO C 330 19.65 -28.72 29.33
C PRO C 330 18.34 -28.35 30.04
N PHE C 331 17.50 -27.57 29.39
CA PHE C 331 16.19 -27.17 29.92
C PHE C 331 15.35 -28.40 30.28
N PHE C 332 15.55 -29.50 29.58
CA PHE C 332 14.82 -30.75 29.83
C PHE C 332 15.49 -31.75 30.79
N ASP C 333 16.73 -31.46 31.23
CA ASP C 333 17.46 -32.32 32.21
C ASP C 333 16.59 -32.66 33.43
N LEU C 334 15.82 -31.68 33.92
CA LEU C 334 15.09 -31.86 35.15
C LEU C 334 13.93 -32.89 35.05
N LEU C 335 13.56 -33.27 33.83
CA LEU C 335 12.62 -34.37 33.60
C LEU C 335 13.25 -35.79 33.62
N LYS C 336 14.56 -35.93 33.47
CA LYS C 336 15.21 -37.23 33.22
C LYS C 336 15.95 -37.74 34.43
N LYS C 337 16.25 -39.06 34.42
CA LYS C 337 17.39 -39.70 35.15
C LYS C 337 18.77 -39.61 34.42
N SER C 338 19.85 -39.73 35.20
CA SER C 338 21.25 -39.76 34.68
C SER C 338 22.22 -40.09 35.81
#